data_3S3T
#
_entry.id   3S3T
#
_cell.length_a   49.015
_cell.length_b   56.187
_cell.length_c   109.144
_cell.angle_alpha   102.130
_cell.angle_beta   100.530
_cell.angle_gamma   90.360
#
_symmetry.space_group_name_H-M   'P 1'
#
loop_
_entity.id
_entity.type
_entity.pdbx_description
1 polymer 'Nucleotide-binding protein, universal stress protein UspA family'
2 non-polymer "ADENOSINE-5'-TRIPHOSPHATE"
3 non-polymer 'CALCIUM ION'
4 non-polymer GLYCEROL
5 non-polymer 'ACETATE ION'
6 water water
#
_entity_poly.entity_id   1
_entity_poly.type   'polypeptide(L)'
_entity_poly.pdbx_seq_one_letter_code
;SNARYTNILVPVDSSDAAQAAFTEAVNIAQRHQANLTALYVVDDSAYHTPALDPVLSELLDAEAAHAKDA(MSE)RQRQQ
FVATTSAPNLKTEISYGIPKHTIEDYAKQHPEIDLIVLGATGTNSPHRVAVGSTTSYVVDHAPCNVIVIR
;
_entity_poly.pdbx_strand_id   A,B,C,D,E,F,G,H
#
# COMPACT_ATOMS: atom_id res chain seq x y z
N ASN A 2 -15.68 -15.80 -20.06
CA ASN A 2 -16.55 -14.57 -20.05
C ASN A 2 -16.02 -13.44 -19.13
N ALA A 3 -14.72 -13.43 -18.88
CA ALA A 3 -14.11 -12.46 -18.00
C ALA A 3 -14.40 -11.07 -18.54
N ARG A 4 -14.44 -10.10 -17.64
CA ARG A 4 -14.61 -8.66 -17.98
C ARG A 4 -13.68 -7.81 -17.13
N TYR A 5 -13.32 -6.65 -17.66
CA TYR A 5 -12.64 -5.65 -16.86
C TYR A 5 -13.62 -5.02 -15.89
N THR A 6 -13.13 -4.68 -14.72
CA THR A 6 -13.93 -4.03 -13.70
C THR A 6 -13.49 -2.58 -13.38
N ASN A 7 -12.20 -2.27 -13.57
CA ASN A 7 -11.61 -1.02 -13.10
C ASN A 7 -10.44 -0.63 -13.99
N ILE A 8 -10.67 0.27 -14.92
CA ILE A 8 -9.69 0.66 -15.96
C ILE A 8 -9.02 1.99 -15.61
N LEU A 9 -7.71 2.08 -15.89
CA LEU A 9 -6.93 3.27 -15.68
C LEU A 9 -6.42 3.72 -17.04
N VAL A 10 -6.62 5.00 -17.32
CA VAL A 10 -6.08 5.60 -18.53
C VAL A 10 -5.23 6.82 -18.14
N PRO A 11 -3.90 6.61 -18.01
CA PRO A 11 -3.04 7.76 -17.76
C PRO A 11 -2.99 8.62 -19.02
N VAL A 12 -3.20 9.93 -18.87
CA VAL A 12 -3.03 10.84 -19.99
C VAL A 12 -2.02 11.96 -19.71
N ASP A 13 -1.25 12.33 -20.74
CA ASP A 13 -0.55 13.63 -20.75
C ASP A 13 -1.39 14.54 -21.62
N SER A 14 -0.79 15.59 -22.17
CA SER A 14 -1.54 16.58 -22.89
C SER A 14 -1.47 16.32 -24.38
N SER A 15 -0.96 15.16 -24.79
CA SER A 15 -0.79 14.88 -26.21
C SER A 15 -2.06 14.39 -26.88
N ASP A 16 -2.11 14.52 -28.21
CA ASP A 16 -3.21 13.92 -28.98
C ASP A 16 -3.21 12.40 -28.80
N ALA A 17 -2.02 11.79 -28.73
CA ALA A 17 -1.90 10.35 -28.67
C ALA A 17 -2.56 9.84 -27.40
N ALA A 18 -2.35 10.56 -26.29
CA ALA A 18 -2.97 10.20 -25.01
C ALA A 18 -4.47 10.40 -25.04
N GLN A 19 -4.94 11.44 -25.72
CA GLN A 19 -6.39 11.63 -25.87
C GLN A 19 -7.06 10.56 -26.76
N ALA A 20 -6.37 10.08 -27.77
CA ALA A 20 -6.86 8.94 -28.55
C ALA A 20 -6.95 7.66 -27.62
N ALA A 21 -5.97 7.50 -26.73
CA ALA A 21 -6.00 6.46 -25.68
C ALA A 21 -7.23 6.59 -24.77
N PHE A 22 -7.50 7.79 -24.30
CA PHE A 22 -8.65 8.03 -23.48
C PHE A 22 -9.91 7.66 -24.23
N THR A 23 -9.98 8.07 -25.50
CA THR A 23 -11.19 7.78 -26.31
C THR A 23 -11.47 6.31 -26.40
N GLU A 24 -10.41 5.50 -26.57
CA GLU A 24 -10.56 4.04 -26.59
C GLU A 24 -10.86 3.47 -25.23
N ALA A 25 -10.29 4.05 -24.16
CA ALA A 25 -10.61 3.61 -22.79
C ALA A 25 -12.10 3.77 -22.50
N VAL A 26 -12.71 4.84 -22.98
CA VAL A 26 -14.15 5.01 -22.74
C VAL A 26 -14.96 3.96 -23.49
N ASN A 27 -14.51 3.61 -24.68
CA ASN A 27 -15.09 2.55 -25.48
C ASN A 27 -15.01 1.17 -24.75
N ILE A 28 -13.85 0.87 -24.19
CA ILE A 28 -13.67 -0.38 -23.46
C ILE A 28 -14.53 -0.36 -22.20
N ALA A 29 -14.53 0.79 -21.52
CA ALA A 29 -15.29 0.99 -20.31
C ALA A 29 -16.79 0.71 -20.55
N GLN A 30 -17.34 1.34 -21.60
CA GLN A 30 -18.72 1.12 -22.06
C GLN A 30 -18.98 -0.36 -22.30
N ARG A 31 -18.07 -1.06 -22.97
CA ARG A 31 -18.33 -2.48 -23.32
C ARG A 31 -18.34 -3.44 -22.15
N HIS A 32 -17.46 -3.18 -21.18
CA HIS A 32 -17.29 -4.04 -20.02
C HIS A 32 -18.11 -3.54 -18.83
N GLN A 33 -18.72 -2.38 -19.03
CA GLN A 33 -19.37 -1.62 -17.97
C GLN A 33 -18.46 -1.50 -16.77
N ALA A 34 -17.25 -1.05 -17.04
CA ALA A 34 -16.19 -0.96 -16.04
C ALA A 34 -16.09 0.44 -15.46
N ASN A 35 -15.56 0.53 -14.25
CA ASN A 35 -15.22 1.84 -13.73
C ASN A 35 -14.03 2.35 -14.55
N LEU A 36 -13.98 3.66 -14.77
CA LEU A 36 -12.92 4.28 -15.52
C LEU A 36 -12.29 5.41 -14.72
N THR A 37 -10.95 5.46 -14.67
CA THR A 37 -10.23 6.56 -14.06
C THR A 37 -9.21 7.14 -15.07
N ALA A 38 -9.30 8.45 -15.35
CA ALA A 38 -8.25 9.19 -16.09
C ALA A 38 -7.29 9.86 -15.11
N LEU A 39 -6.00 9.66 -15.34
CA LEU A 39 -4.96 10.16 -14.43
C LEU A 39 -3.95 11.00 -15.20
N TYR A 40 -3.83 12.28 -14.86
CA TYR A 40 -2.74 13.12 -15.37
C TYR A 40 -1.70 13.33 -14.29
N VAL A 41 -0.44 13.01 -14.60
CA VAL A 41 0.63 13.26 -13.64
C VAL A 41 1.44 14.50 -13.99
N VAL A 42 1.45 15.46 -13.06
CA VAL A 42 2.27 16.68 -13.18
C VAL A 42 3.70 16.33 -12.76
N ASP A 43 4.63 16.36 -13.70
CA ASP A 43 6.01 15.96 -13.40
C ASP A 43 6.66 17.04 -12.57
N ASP A 44 6.97 16.72 -11.33
CA ASP A 44 7.54 17.64 -10.38
C ASP A 44 9.04 17.40 -10.12
N SER A 45 9.72 16.70 -11.05
CA SER A 45 11.11 16.24 -10.82
C SER A 45 12.20 17.23 -11.25
N ALA A 46 11.80 18.35 -11.83
CA ALA A 46 12.71 19.43 -12.25
C ALA A 46 13.76 19.78 -11.22
N TYR A 47 14.99 19.94 -11.68
CA TYR A 47 16.03 20.41 -10.82
C TYR A 47 15.67 21.82 -10.32
N HIS A 48 15.73 22.01 -9.00
CA HIS A 48 15.53 23.34 -8.43
C HIS A 48 16.00 23.37 -6.97
N THR A 49 16.59 24.48 -6.53
CA THR A 49 16.95 24.64 -5.11
C THR A 49 15.70 25.10 -4.38
N PRO A 50 15.76 25.17 -3.03
CA PRO A 50 14.53 25.57 -2.36
C PRO A 50 14.10 27.02 -2.62
N ALA A 51 15.04 27.90 -2.95
CA ALA A 51 14.68 29.27 -3.28
C ALA A 51 13.75 29.34 -4.51
N LEU A 52 13.79 28.31 -5.34
CA LEU A 52 13.05 28.32 -6.58
C LEU A 52 11.66 27.67 -6.49
N ASP A 53 11.28 27.13 -5.32
CA ASP A 53 9.99 26.41 -5.17
C ASP A 53 8.77 27.18 -5.69
N PRO A 54 8.71 28.49 -5.41
CA PRO A 54 7.61 29.31 -5.93
C PRO A 54 7.56 29.43 -7.45
N VAL A 55 8.72 29.59 -8.08
CA VAL A 55 8.82 29.62 -9.55
C VAL A 55 8.27 28.29 -10.07
N LEU A 56 8.83 27.16 -9.61
CA LEU A 56 8.33 25.80 -10.00
C LEU A 56 6.84 25.63 -9.74
N SER A 57 6.41 26.01 -8.54
CA SER A 57 4.99 25.81 -8.19
C SER A 57 4.05 26.58 -9.12
N GLU A 58 4.48 27.76 -9.55
CA GLU A 58 3.69 28.57 -10.50
C GLU A 58 3.56 27.83 -11.83
N LEU A 59 4.66 27.21 -12.25
CA LEU A 59 4.69 26.42 -13.49
C LEU A 59 3.77 25.19 -13.39
N LEU A 60 3.95 24.42 -12.32
CA LEU A 60 3.17 23.22 -12.10
C LEU A 60 1.68 23.52 -11.85
N ASP A 61 1.37 24.53 -11.06
CA ASP A 61 -0.03 24.88 -10.90
C ASP A 61 -0.72 25.25 -12.21
N ALA A 62 -0.01 25.90 -13.14
CA ALA A 62 -0.62 26.23 -14.42
C ALA A 62 -0.81 24.95 -15.22
N GLU A 63 0.18 24.07 -15.21
CA GLU A 63 0.03 22.81 -15.94
C GLU A 63 -1.17 22.01 -15.39
N ALA A 64 -1.22 21.92 -14.08
CA ALA A 64 -2.32 21.27 -13.34
C ALA A 64 -3.70 21.87 -13.71
N ALA A 65 -3.77 23.19 -13.81
CA ALA A 65 -5.03 23.84 -14.14
C ALA A 65 -5.47 23.49 -15.56
N HIS A 66 -4.52 23.46 -16.49
CA HIS A 66 -4.80 23.04 -17.86
C HIS A 66 -5.29 21.59 -17.92
N ALA A 67 -4.60 20.70 -17.23
CA ALA A 67 -5.03 19.31 -17.09
C ALA A 67 -6.48 19.22 -16.53
N LYS A 68 -6.78 20.04 -15.53
CA LYS A 68 -8.10 20.01 -14.90
CA LYS A 68 -8.12 19.96 -14.90
C LYS A 68 -9.18 20.41 -15.90
N ASP A 69 -8.85 21.35 -16.77
CA ASP A 69 -9.80 21.74 -17.81
C ASP A 69 -9.96 20.63 -18.84
N ALA A 70 -8.88 19.90 -19.15
CA ALA A 70 -9.05 18.78 -20.07
C ALA A 70 -9.93 17.66 -19.44
N ARG A 72 -12.37 18.13 -17.13
CA ARG A 72 -13.73 18.67 -17.27
C ARG A 72 -14.34 18.27 -18.60
N GLN A 73 -13.64 18.55 -19.71
CA GLN A 73 -14.11 18.16 -21.05
C GLN A 73 -14.32 16.67 -21.16
N ARG A 74 -13.41 15.88 -20.57
CA ARG A 74 -13.57 14.44 -20.64
C ARG A 74 -14.84 13.94 -19.91
N GLN A 75 -15.14 14.50 -18.73
CA GLN A 75 -16.35 14.15 -17.96
C GLN A 75 -17.60 14.43 -18.78
N GLN A 76 -17.55 15.53 -19.54
CA GLN A 76 -18.68 15.90 -20.40
CA GLN A 76 -18.66 15.90 -20.42
C GLN A 76 -18.85 14.85 -21.51
N PHE A 77 -17.74 14.42 -22.11
CA PHE A 77 -17.80 13.45 -23.21
C PHE A 77 -18.33 12.09 -22.74
N VAL A 78 -17.81 11.60 -21.61
CA VAL A 78 -18.28 10.31 -21.06
C VAL A 78 -19.79 10.33 -20.76
N ALA A 79 -20.36 11.48 -20.38
CA ALA A 79 -21.82 11.52 -20.10
C ALA A 79 -22.67 11.38 -21.35
N THR A 80 -22.08 11.54 -22.53
CA THR A 80 -22.77 11.25 -23.79
C THR A 80 -22.72 9.77 -24.19
N THR A 81 -22.03 8.93 -23.39
CA THR A 81 -21.87 7.51 -23.68
C THR A 81 -22.54 6.67 -22.59
N SER A 82 -22.52 5.34 -22.78
CA SER A 82 -23.11 4.43 -21.82
C SER A 82 -22.08 3.88 -20.84
N ALA A 83 -20.89 4.48 -20.82
CA ALA A 83 -19.86 4.12 -19.88
C ALA A 83 -20.36 4.51 -18.51
N PRO A 84 -20.18 3.65 -17.49
CA PRO A 84 -20.81 3.90 -16.21
C PRO A 84 -20.35 5.15 -15.49
N ASN A 85 -19.07 5.51 -15.60
CA ASN A 85 -18.58 6.69 -14.86
C ASN A 85 -17.20 7.17 -15.32
N LEU A 86 -16.74 8.26 -14.72
CA LEU A 86 -15.37 8.69 -14.90
C LEU A 86 -14.96 9.37 -13.60
N LYS A 87 -13.90 8.83 -13.02
CA LYS A 87 -13.14 9.50 -11.99
C LYS A 87 -11.93 10.16 -12.71
N THR A 88 -11.62 11.39 -12.33
CA THR A 88 -10.46 12.10 -12.85
C THR A 88 -9.51 12.41 -11.70
N GLU A 89 -8.22 12.30 -11.97
CA GLU A 89 -7.22 12.51 -10.95
C GLU A 89 -6.03 13.24 -11.54
N ILE A 90 -5.57 14.27 -10.84
CA ILE A 90 -4.36 14.95 -11.18
C ILE A 90 -3.40 14.73 -10.00
N SER A 91 -2.26 14.11 -10.29
CA SER A 91 -1.26 13.86 -9.28
C SER A 91 0.06 14.48 -9.65
N TYR A 92 0.93 14.59 -8.65
CA TYR A 92 2.25 15.21 -8.77
C TYR A 92 3.32 14.14 -8.45
N GLY A 93 4.26 13.95 -9.38
CA GLY A 93 5.35 12.98 -9.15
C GLY A 93 6.02 12.72 -10.46
N ILE A 94 6.83 11.67 -10.48
CA ILE A 94 7.51 11.22 -11.69
C ILE A 94 6.47 10.38 -12.39
N PRO A 95 6.11 10.72 -13.65
CA PRO A 95 4.92 10.09 -14.24
C PRO A 95 4.86 8.56 -14.27
N LYS A 96 5.87 7.93 -14.83
CA LYS A 96 5.88 6.45 -14.95
C LYS A 96 5.84 5.73 -13.58
N HIS A 97 6.52 6.29 -12.58
CA HIS A 97 6.45 5.78 -11.22
C HIS A 97 5.06 5.93 -10.63
N THR A 98 4.46 7.09 -10.85
CA THR A 98 3.18 7.40 -10.25
C THR A 98 2.08 6.50 -10.81
N ILE A 99 2.14 6.22 -12.10
CA ILE A 99 1.20 5.36 -12.78
C ILE A 99 1.33 3.93 -12.22
N GLU A 100 2.55 3.43 -12.14
CA GLU A 100 2.80 2.12 -11.51
C GLU A 100 2.23 2.08 -10.09
N ASP A 101 2.55 3.11 -9.31
CA ASP A 101 2.18 3.14 -7.91
C ASP A 101 0.66 3.19 -7.80
N TYR A 102 0.03 3.92 -8.71
CA TYR A 102 -1.39 4.07 -8.69
C TYR A 102 -2.05 2.71 -8.89
N ALA A 103 -1.56 1.94 -9.87
CA ALA A 103 -2.12 0.61 -10.13
C ALA A 103 -1.89 -0.34 -8.96
N LYS A 104 -0.77 -0.20 -8.26
CA LYS A 104 -0.51 -1.04 -7.06
C LYS A 104 -1.25 -0.54 -5.80
N GLN A 105 -1.48 0.76 -5.75
CA GLN A 105 -2.24 1.35 -4.67
C GLN A 105 -3.73 0.95 -4.79
N HIS A 106 -4.20 0.74 -6.01
CA HIS A 106 -5.57 0.33 -6.27
C HIS A 106 -5.58 -1.00 -7.03
N PRO A 107 -5.40 -2.11 -6.29
CA PRO A 107 -5.16 -3.38 -6.95
C PRO A 107 -6.37 -3.90 -7.71
N GLU A 108 -7.53 -3.26 -7.50
CA GLU A 108 -8.73 -3.59 -8.27
C GLU A 108 -8.58 -3.29 -9.76
N ILE A 109 -7.64 -2.39 -10.08
CA ILE A 109 -7.41 -1.96 -11.43
C ILE A 109 -6.92 -3.16 -12.22
N ASP A 110 -7.62 -3.46 -13.33
CA ASP A 110 -7.30 -4.64 -14.16
C ASP A 110 -7.00 -4.37 -15.61
N LEU A 111 -6.89 -3.09 -15.96
CA LEU A 111 -6.36 -2.66 -17.25
C LEU A 111 -5.79 -1.27 -17.14
N ILE A 112 -4.65 -1.06 -17.78
CA ILE A 112 -4.14 0.29 -17.99
C ILE A 112 -4.13 0.52 -19.49
N VAL A 113 -4.69 1.67 -19.93
CA VAL A 113 -4.76 2.05 -21.32
C VAL A 113 -3.77 3.21 -21.54
N LEU A 114 -2.89 3.07 -22.52
CA LEU A 114 -1.82 4.08 -22.77
C LEU A 114 -1.74 4.44 -24.23
N GLY A 115 -1.37 5.68 -24.53
CA GLY A 115 -0.96 6.02 -25.89
C GLY A 115 0.40 5.42 -26.13
N ALA A 116 0.70 5.08 -27.38
CA ALA A 116 2.06 4.62 -27.68
C ALA A 116 3.13 5.69 -27.41
N THR A 117 2.86 6.93 -27.80
CA THR A 117 3.79 8.04 -27.66
C THR A 117 3.04 9.16 -26.95
N GLY A 118 3.75 10.21 -26.61
CA GLY A 118 3.21 11.33 -25.83
C GLY A 118 3.71 12.67 -26.34
N THR A 119 4.06 13.60 -25.46
CA THR A 119 4.39 14.96 -25.90
C THR A 119 5.83 15.08 -26.44
N ASN A 120 6.77 14.21 -26.03
CA ASN A 120 8.19 14.45 -26.39
C ASN A 120 8.75 13.72 -27.60
N SER A 121 8.36 12.48 -27.87
CA SER A 121 9.19 11.65 -28.78
C SER A 121 8.55 10.98 -30.01
N PRO A 122 7.40 11.47 -30.46
CA PRO A 122 6.86 10.84 -31.67
C PRO A 122 7.78 10.84 -32.89
N HIS A 123 8.69 11.80 -33.00
CA HIS A 123 9.62 11.83 -34.14
C HIS A 123 10.91 11.04 -33.93
N ARG A 124 11.02 10.38 -32.79
CA ARG A 124 12.22 9.60 -32.45
C ARG A 124 11.97 8.10 -32.17
N VAL A 125 10.76 7.77 -31.65
CA VAL A 125 10.45 6.40 -31.20
C VAL A 125 9.02 6.02 -31.58
N ALA A 126 8.74 4.73 -31.70
CA ALA A 126 7.35 4.24 -31.95
C ALA A 126 6.59 4.02 -30.64
N VAL A 127 7.37 3.86 -29.53
CA VAL A 127 6.81 3.73 -28.20
C VAL A 127 7.67 4.49 -27.21
N GLY A 128 7.03 5.36 -26.47
CA GLY A 128 7.64 6.19 -25.47
C GLY A 128 8.08 5.48 -24.19
N SER A 129 8.92 6.16 -23.44
CA SER A 129 9.57 5.54 -22.29
C SER A 129 8.56 5.40 -21.13
N THR A 130 7.57 6.27 -21.02
CA THR A 130 6.51 6.09 -20.00
C THR A 130 5.74 4.80 -20.29
N THR A 131 5.33 4.61 -21.54
CA THR A 131 4.61 3.44 -21.94
C THR A 131 5.43 2.17 -21.78
N SER A 132 6.68 2.14 -22.24
CA SER A 132 7.46 0.90 -22.05
C SER A 132 7.65 0.60 -20.54
N TYR A 133 7.84 1.63 -19.73
CA TYR A 133 8.03 1.42 -18.29
C TYR A 133 6.76 0.77 -17.67
N VAL A 134 5.61 1.36 -17.99
CA VAL A 134 4.34 0.86 -17.51
C VAL A 134 4.03 -0.55 -18.05
N VAL A 135 4.26 -0.81 -19.32
CA VAL A 135 4.05 -2.16 -19.80
C VAL A 135 4.86 -3.18 -18.94
N ASP A 136 6.08 -2.82 -18.63
CA ASP A 136 7.00 -3.64 -17.87
C ASP A 136 6.52 -3.85 -16.43
N HIS A 137 6.15 -2.74 -15.80
CA HIS A 137 6.02 -2.74 -14.37
C HIS A 137 4.58 -2.86 -13.85
N ALA A 138 3.58 -2.86 -14.73
CA ALA A 138 2.21 -2.90 -14.23
C ALA A 138 1.85 -4.30 -13.73
N PRO A 139 1.02 -4.36 -12.69
CA PRO A 139 0.54 -5.64 -12.17
C PRO A 139 -0.66 -6.23 -12.96
N CYS A 140 -1.06 -5.62 -14.06
CA CYS A 140 -2.26 -6.05 -14.76
C CYS A 140 -2.01 -5.93 -16.24
N ASN A 141 -3.04 -6.25 -16.99
CA ASN A 141 -2.99 -6.13 -18.45
C ASN A 141 -2.76 -4.65 -18.85
N VAL A 142 -2.02 -4.43 -19.94
CA VAL A 142 -1.76 -3.11 -20.46
C VAL A 142 -1.95 -3.11 -22.00
N ILE A 143 -2.76 -2.18 -22.48
CA ILE A 143 -2.98 -2.02 -23.90
C ILE A 143 -2.39 -0.69 -24.32
N VAL A 144 -1.75 -0.75 -25.46
CA VAL A 144 -1.10 0.40 -26.07
C VAL A 144 -1.87 0.80 -27.31
N ILE A 145 -2.28 2.07 -27.34
CA ILE A 145 -3.13 2.60 -28.39
C ILE A 145 -2.32 3.48 -29.38
N ARG A 146 -2.43 3.13 -30.66
CA ARG A 146 -1.91 3.94 -31.75
C ARG A 146 -2.78 3.88 -33.00
N ALA B 3 -17.00 2.24 -32.85
CA ALA B 3 -15.82 1.49 -33.39
C ALA B 3 -15.53 0.19 -32.63
N ARG B 4 -15.05 -0.79 -33.36
CA ARG B 4 -14.76 -2.11 -32.81
C ARG B 4 -13.56 -2.72 -33.56
N TYR B 5 -12.91 -3.70 -32.95
CA TYR B 5 -11.88 -4.49 -33.64
C TYR B 5 -12.50 -5.34 -34.70
N THR B 6 -11.77 -5.49 -35.81
CA THR B 6 -12.18 -6.31 -36.93
C THR B 6 -11.35 -7.57 -37.13
N ASN B 7 -10.06 -7.48 -36.80
CA ASN B 7 -9.09 -8.50 -37.13
C ASN B 7 -7.96 -8.50 -36.08
N ILE B 8 -7.95 -9.54 -35.25
CA ILE B 8 -7.05 -9.67 -34.11
C ILE B 8 -6.07 -10.78 -34.44
N LEU B 9 -4.81 -10.57 -34.07
CA LEU B 9 -3.75 -11.54 -34.23
C LEU B 9 -3.25 -11.91 -32.84
N VAL B 10 -3.08 -13.18 -32.55
CA VAL B 10 -2.60 -13.54 -31.23
C VAL B 10 -1.45 -14.49 -31.45
N PRO B 11 -0.23 -13.97 -31.43
CA PRO B 11 0.96 -14.78 -31.53
C PRO B 11 1.15 -15.61 -30.25
N VAL B 12 1.34 -16.91 -30.42
CA VAL B 12 1.53 -17.85 -29.34
C VAL B 12 2.83 -18.67 -29.50
N ASP B 13 3.54 -18.84 -28.38
CA ASP B 13 4.54 -19.87 -28.23
C ASP B 13 3.88 -21.00 -27.46
N SER B 14 4.66 -21.87 -26.82
CA SER B 14 4.05 -23.02 -26.14
C SER B 14 3.79 -22.80 -24.67
N SER B 15 3.94 -21.58 -24.18
CA SER B 15 3.83 -21.32 -22.75
C SER B 15 2.39 -21.16 -22.26
N ASP B 16 2.18 -21.36 -20.94
CA ASP B 16 0.91 -21.06 -20.29
C ASP B 16 0.52 -19.58 -20.45
N ALA B 17 1.49 -18.68 -20.27
CA ALA B 17 1.31 -17.24 -20.50
C ALA B 17 0.67 -16.93 -21.85
N ALA B 18 1.22 -17.53 -22.90
CA ALA B 18 0.71 -17.30 -24.25
C ALA B 18 -0.70 -17.85 -24.41
N GLN B 19 -0.98 -19.00 -23.79
CA GLN B 19 -2.29 -19.60 -23.83
C GLN B 19 -3.33 -18.73 -23.11
N ALA B 20 -2.95 -18.10 -21.99
CA ALA B 20 -3.79 -17.12 -21.34
C ALA B 20 -4.06 -15.94 -22.26
N ALA B 21 -3.02 -15.52 -23.00
CA ALA B 21 -3.18 -14.50 -24.00
C ALA B 21 -4.23 -14.94 -25.07
N PHE B 22 -4.11 -16.17 -25.53
CA PHE B 22 -5.03 -16.71 -26.53
C PHE B 22 -6.50 -16.68 -26.01
N THR B 23 -6.67 -17.13 -24.76
CA THR B 23 -7.97 -17.15 -24.13
C THR B 23 -8.60 -15.78 -24.07
N GLU B 24 -7.82 -14.76 -23.76
CA GLU B 24 -8.37 -13.42 -23.69
C GLU B 24 -8.67 -12.92 -25.09
N ALA B 25 -7.81 -13.29 -26.05
CA ALA B 25 -8.02 -12.98 -27.44
C ALA B 25 -9.36 -13.49 -27.95
N VAL B 26 -9.77 -14.66 -27.49
CA VAL B 26 -11.09 -15.19 -27.87
C VAL B 26 -12.21 -14.38 -27.24
N ASN B 27 -12.03 -13.98 -26.00
CA ASN B 27 -12.94 -13.14 -25.26
C ASN B 27 -13.13 -11.82 -26.01
N ILE B 28 -12.04 -11.21 -26.43
CA ILE B 28 -12.10 -9.93 -27.16
C ILE B 28 -12.80 -10.12 -28.52
N ALA B 29 -12.46 -11.21 -29.20
CA ALA B 29 -12.99 -11.48 -30.51
C ALA B 29 -14.53 -11.66 -30.47
N GLN B 30 -15.04 -12.36 -29.45
CA GLN B 30 -16.48 -12.54 -29.30
CA GLN B 30 -16.49 -12.54 -29.20
C GLN B 30 -17.21 -11.21 -29.06
N ARG B 31 -16.64 -10.35 -28.22
CA ARG B 31 -17.27 -9.10 -27.87
C ARG B 31 -17.32 -8.13 -29.02
N HIS B 32 -16.29 -8.19 -29.86
CA HIS B 32 -16.13 -7.28 -30.97
C HIS B 32 -16.64 -7.89 -32.27
N GLN B 33 -16.91 -9.21 -32.23
CA GLN B 33 -17.21 -9.97 -33.43
C GLN B 33 -16.13 -9.70 -34.47
N ALA B 34 -14.89 -9.88 -34.02
CA ALA B 34 -13.72 -9.69 -34.85
C ALA B 34 -13.21 -11.05 -35.41
N ASN B 35 -12.55 -11.04 -36.56
CA ASN B 35 -11.81 -12.21 -36.99
C ASN B 35 -10.64 -12.43 -36.02
N LEU B 36 -10.23 -13.68 -35.82
CA LEU B 36 -9.12 -14.01 -34.91
C LEU B 36 -8.14 -14.91 -35.67
N THR B 37 -6.84 -14.61 -35.60
CA THR B 37 -5.81 -15.49 -36.12
C THR B 37 -4.81 -15.75 -35.01
N ALA B 38 -4.49 -17.01 -34.80
CA ALA B 38 -3.42 -17.39 -33.87
C ALA B 38 -2.19 -17.79 -34.70
N LEU B 39 -1.01 -17.33 -34.28
CA LEU B 39 0.24 -17.53 -35.03
C LEU B 39 1.33 -18.06 -34.14
N TYR B 40 1.93 -19.17 -34.57
CA TYR B 40 3.08 -19.77 -33.88
C TYR B 40 4.26 -19.72 -34.85
N VAL B 41 5.33 -19.02 -34.48
CA VAL B 41 6.52 -18.96 -35.34
C VAL B 41 7.54 -19.97 -34.81
N VAL B 42 7.89 -20.92 -35.67
CA VAL B 42 9.02 -21.80 -35.43
C VAL B 42 10.31 -21.03 -35.67
N ASP B 43 11.03 -20.71 -34.59
CA ASP B 43 12.34 -20.05 -34.66
C ASP B 43 13.35 -20.91 -35.49
N ASP B 44 13.82 -20.41 -36.60
CA ASP B 44 14.71 -21.21 -37.47
C ASP B 44 16.14 -20.63 -37.52
N SER B 45 16.53 -19.90 -36.48
CA SER B 45 17.78 -19.17 -36.51
C SER B 45 18.96 -19.89 -35.89
N ALA B 46 18.80 -21.14 -35.46
CA ALA B 46 19.88 -21.83 -34.76
C ALA B 46 21.12 -21.88 -35.62
N TYR B 47 22.29 -21.73 -34.99
CA TYR B 47 23.56 -21.88 -35.68
C TYR B 47 23.65 -23.25 -36.32
N HIS B 48 24.08 -23.31 -37.59
CA HIS B 48 24.29 -24.59 -38.26
C HIS B 48 24.99 -24.43 -39.63
N THR B 49 25.83 -25.41 -39.98
CA THR B 49 26.50 -25.46 -41.27
C THR B 49 25.58 -26.24 -42.25
N PRO B 50 25.88 -26.19 -43.57
CA PRO B 50 24.96 -26.89 -44.49
C PRO B 50 24.80 -28.38 -44.18
N ALA B 51 25.87 -29.03 -43.82
CA ALA B 51 25.83 -30.45 -43.46
C ALA B 51 24.75 -30.74 -42.45
N LEU B 52 24.40 -29.76 -41.61
CA LEU B 52 23.42 -29.98 -40.57
C LEU B 52 21.99 -29.53 -40.88
N ASP B 53 21.77 -28.97 -42.07
CA ASP B 53 20.41 -28.61 -42.54
C ASP B 53 19.33 -29.65 -42.21
N PRO B 54 19.60 -30.92 -42.51
CA PRO B 54 18.54 -31.93 -42.29
C PRO B 54 18.32 -32.22 -40.81
N VAL B 55 19.37 -32.09 -40.00
CA VAL B 55 19.19 -32.27 -38.55
C VAL B 55 18.27 -31.16 -38.01
N LEU B 56 18.52 -29.92 -38.41
CA LEU B 56 17.69 -28.82 -37.95
C LEU B 56 16.28 -28.96 -38.50
N SER B 57 16.14 -29.34 -39.77
CA SER B 57 14.84 -29.58 -40.34
C SER B 57 14.01 -30.52 -39.48
N GLU B 58 14.65 -31.59 -39.00
CA GLU B 58 13.93 -32.60 -38.23
C GLU B 58 13.35 -32.00 -36.97
N LEU B 59 14.20 -31.22 -36.31
CA LEU B 59 13.82 -30.56 -35.07
C LEU B 59 12.64 -29.59 -35.27
N LEU B 60 12.76 -28.73 -36.28
CA LEU B 60 11.79 -27.69 -36.48
C LEU B 60 10.45 -28.29 -36.93
N ASP B 61 10.51 -29.33 -37.75
CA ASP B 61 9.32 -29.98 -38.22
C ASP B 61 8.52 -30.63 -37.07
N ALA B 62 9.22 -31.20 -36.09
CA ALA B 62 8.55 -31.75 -34.87
C ALA B 62 7.91 -30.62 -34.06
N GLU B 63 8.60 -29.50 -33.94
CA GLU B 63 8.10 -28.37 -33.16
C GLU B 63 6.81 -27.86 -33.81
N ALA B 64 6.88 -27.66 -35.14
CA ALA B 64 5.73 -27.30 -35.96
C ALA B 64 4.55 -28.25 -35.70
N ALA B 65 4.80 -29.55 -35.77
CA ALA B 65 3.75 -30.55 -35.54
C ALA B 65 3.09 -30.40 -34.17
N HIS B 66 3.89 -30.13 -33.13
CA HIS B 66 3.31 -29.92 -31.78
C HIS B 66 2.45 -28.66 -31.77
N ALA B 67 2.97 -27.59 -32.41
CA ALA B 67 2.22 -26.34 -32.53
C ALA B 67 0.86 -26.60 -33.19
N LYS B 68 0.83 -27.48 -34.19
CA LYS B 68 -0.46 -27.88 -34.82
C LYS B 68 -1.44 -28.58 -33.86
N ASP B 69 -0.94 -29.46 -33.00
CA ASP B 69 -1.79 -30.10 -32.01
C ASP B 69 -2.38 -29.09 -31.06
N ALA B 70 -1.58 -28.07 -30.72
CA ALA B 70 -2.11 -26.98 -29.90
C ALA B 70 -3.18 -26.21 -30.68
N ARG B 72 -5.12 -27.18 -33.12
CA ARG B 72 -6.33 -28.01 -33.17
CA ARG B 72 -6.33 -28.00 -33.19
C ARG B 72 -7.15 -27.92 -31.89
N GLN B 73 -6.50 -28.02 -30.73
CA GLN B 73 -7.23 -27.88 -29.46
C GLN B 73 -7.86 -26.49 -29.31
N ARG B 74 -7.17 -25.47 -29.81
CA ARG B 74 -7.72 -24.11 -29.82
C ARG B 74 -8.90 -23.96 -30.78
N GLN B 75 -8.79 -24.54 -31.97
CA GLN B 75 -9.94 -24.52 -32.88
C GLN B 75 -11.19 -25.09 -32.21
N GLN B 76 -11.02 -26.18 -31.46
CA GLN B 76 -12.14 -26.81 -30.73
C GLN B 76 -12.70 -25.92 -29.61
N PHE B 77 -11.83 -25.23 -28.89
CA PHE B 77 -12.28 -24.32 -27.87
C PHE B 77 -13.13 -23.21 -28.51
N VAL B 78 -12.68 -22.64 -29.62
CA VAL B 78 -13.34 -21.46 -30.18
C VAL B 78 -14.74 -21.81 -30.69
N ALA B 79 -14.90 -23.03 -31.18
CA ALA B 79 -16.22 -23.57 -31.58
C ALA B 79 -17.24 -23.55 -30.45
N THR B 80 -16.79 -23.61 -29.20
CA THR B 80 -17.72 -23.55 -28.09
C THR B 80 -18.22 -22.12 -27.84
N THR B 81 -17.60 -21.13 -28.50
CA THR B 81 -17.86 -19.72 -28.20
C THR B 81 -18.61 -19.05 -29.34
N SER B 82 -19.07 -17.83 -29.13
CA SER B 82 -19.72 -17.08 -30.20
C SER B 82 -18.72 -16.24 -31.04
N ALA B 83 -17.42 -16.38 -30.78
CA ALA B 83 -16.38 -15.77 -31.62
C ALA B 83 -16.65 -16.18 -33.04
N PRO B 84 -16.50 -15.27 -34.01
CA PRO B 84 -16.91 -15.70 -35.36
C PRO B 84 -16.02 -16.79 -35.97
N ASN B 85 -14.71 -16.73 -35.78
CA ASN B 85 -13.82 -17.70 -36.45
C ASN B 85 -12.43 -17.78 -35.82
N LEU B 86 -11.68 -18.81 -36.18
CA LEU B 86 -10.26 -18.90 -35.84
C LEU B 86 -9.49 -19.37 -37.06
N LYS B 87 -8.56 -18.53 -37.51
CA LYS B 87 -7.54 -18.92 -38.45
C LYS B 87 -6.31 -19.34 -37.60
N THR B 88 -5.71 -20.47 -37.91
CA THR B 88 -4.50 -20.88 -37.21
C THR B 88 -3.39 -20.91 -38.21
N GLU B 89 -2.19 -20.54 -37.76
CA GLU B 89 -1.05 -20.47 -38.66
C GLU B 89 0.29 -20.71 -38.00
N ILE B 90 1.16 -21.39 -38.74
CA ILE B 90 2.48 -21.72 -38.23
C ILE B 90 3.45 -21.26 -39.27
N SER B 91 4.41 -20.44 -38.86
CA SER B 91 5.39 -19.88 -39.77
C SER B 91 6.78 -20.24 -39.23
N TYR B 92 7.79 -20.13 -40.10
CA TYR B 92 9.19 -20.32 -39.77
C TYR B 92 9.96 -19.01 -39.99
N GLY B 93 10.66 -18.57 -38.95
CA GLY B 93 11.50 -17.38 -39.02
C GLY B 93 11.92 -16.96 -37.59
N ILE B 94 12.43 -15.74 -37.46
CA ILE B 94 12.68 -15.12 -36.15
C ILE B 94 11.33 -14.64 -35.61
N PRO B 95 10.88 -15.13 -34.44
CA PRO B 95 9.54 -14.79 -33.99
C PRO B 95 9.17 -13.32 -34.03
N LYS B 96 9.88 -12.47 -33.31
CA LYS B 96 9.49 -11.05 -33.23
C LYS B 96 9.47 -10.38 -34.62
N HIS B 97 10.46 -10.68 -35.47
CA HIS B 97 10.47 -10.12 -36.84
C HIS B 97 9.24 -10.62 -37.61
N THR B 98 8.94 -11.90 -37.44
CA THR B 98 7.85 -12.55 -38.19
C THR B 98 6.50 -12.01 -37.82
N ILE B 99 6.31 -11.70 -36.53
CA ILE B 99 5.06 -11.16 -36.01
C ILE B 99 4.88 -9.74 -36.53
N GLU B 100 5.92 -8.93 -36.45
CA GLU B 100 5.91 -7.60 -37.06
C GLU B 100 5.54 -7.67 -38.55
N ASP B 101 6.26 -8.48 -39.31
CA ASP B 101 5.97 -8.62 -40.74
C ASP B 101 4.51 -9.01 -40.95
N TYR B 102 4.01 -10.02 -40.23
CA TYR B 102 2.65 -10.50 -40.39
C TYR B 102 1.62 -9.39 -40.25
N ALA B 103 1.76 -8.59 -39.20
CA ALA B 103 0.89 -7.45 -38.99
C ALA B 103 0.99 -6.37 -40.05
N LYS B 104 2.20 -6.13 -40.58
CA LYS B 104 2.35 -5.08 -41.61
C LYS B 104 1.95 -5.64 -42.97
N GLN B 105 2.10 -6.95 -43.17
CA GLN B 105 1.65 -7.61 -44.43
C GLN B 105 0.15 -7.93 -44.49
N HIS B 106 -0.52 -7.88 -43.33
CA HIS B 106 -1.98 -7.97 -43.24
C HIS B 106 -2.50 -6.74 -42.55
N PRO B 107 -2.52 -5.61 -43.26
CA PRO B 107 -2.78 -4.33 -42.58
C PRO B 107 -4.20 -4.16 -41.99
N GLU B 108 -5.10 -5.10 -42.31
CA GLU B 108 -6.42 -5.16 -41.69
C GLU B 108 -6.37 -5.51 -40.19
N ILE B 109 -5.23 -6.06 -39.77
CA ILE B 109 -5.09 -6.39 -38.34
C ILE B 109 -5.09 -5.10 -37.56
N ASP B 110 -5.98 -5.05 -36.58
CA ASP B 110 -6.09 -3.86 -35.78
C ASP B 110 -5.88 -4.12 -34.29
N LEU B 111 -5.52 -5.35 -33.92
CA LEU B 111 -5.06 -5.63 -32.50
C LEU B 111 -4.16 -6.83 -32.49
N ILE B 112 -3.05 -6.70 -31.75
CA ILE B 112 -2.18 -7.82 -31.44
C ILE B 112 -2.26 -8.08 -29.95
N VAL B 113 -2.47 -9.35 -29.60
CA VAL B 113 -2.66 -9.77 -28.20
C VAL B 113 -1.48 -10.67 -27.91
N LEU B 114 -0.77 -10.36 -26.83
CA LEU B 114 0.46 -11.08 -26.47
C LEU B 114 0.47 -11.37 -24.99
N GLY B 115 1.07 -12.50 -24.67
CA GLY B 115 1.48 -12.74 -23.32
C GLY B 115 2.61 -11.86 -22.89
N ALA B 116 2.62 -11.48 -21.59
CA ALA B 116 3.75 -10.72 -21.08
C ALA B 116 5.09 -11.44 -21.19
N THR B 117 5.11 -12.70 -20.79
CA THR B 117 6.28 -13.52 -20.93
C THR B 117 5.90 -14.76 -21.75
N GLY B 118 6.88 -15.64 -21.93
CA GLY B 118 6.82 -16.80 -22.79
C GLY B 118 7.57 -17.95 -22.16
N THR B 119 8.15 -18.79 -22.99
CA THR B 119 8.80 -20.02 -22.52
C THR B 119 10.10 -19.78 -21.77
N ASN B 120 10.86 -18.74 -22.14
CA ASN B 120 12.24 -18.67 -21.65
C ASN B 120 12.49 -17.83 -20.42
N SER B 121 11.79 -16.71 -20.26
CA SER B 121 12.22 -15.73 -19.22
C SER B 121 11.27 -15.31 -18.08
N PRO B 122 10.23 -16.10 -17.76
CA PRO B 122 9.35 -15.60 -16.70
C PRO B 122 10.00 -15.43 -15.33
N HIS B 123 11.14 -16.09 -15.09
CA HIS B 123 11.82 -15.91 -13.79
C HIS B 123 12.93 -14.87 -13.83
N ARG B 124 13.01 -14.14 -14.94
CA ARG B 124 14.03 -13.14 -15.13
C ARG B 124 13.52 -11.75 -15.49
N VAL B 125 12.39 -11.64 -16.21
CA VAL B 125 11.81 -10.36 -16.68
C VAL B 125 10.27 -10.36 -16.46
N ALA B 126 9.67 -9.19 -16.36
CA ALA B 126 8.22 -9.05 -16.27
C ALA B 126 7.60 -8.97 -17.66
N VAL B 127 8.41 -8.58 -18.65
CA VAL B 127 7.96 -8.58 -20.06
CA VAL B 127 7.97 -8.59 -20.06
C VAL B 127 9.08 -9.13 -20.91
N GLY B 128 8.78 -10.08 -21.79
CA GLY B 128 9.82 -10.70 -22.65
C GLY B 128 10.21 -9.91 -23.88
N SER B 129 11.28 -10.35 -24.54
CA SER B 129 11.87 -9.54 -25.60
C SER B 129 10.99 -9.58 -26.86
N THR B 130 10.22 -10.64 -27.04
CA THR B 130 9.31 -10.76 -28.21
C THR B 130 8.19 -9.73 -28.04
N THR B 131 7.61 -9.68 -26.86
CA THR B 131 6.57 -8.71 -26.56
C THR B 131 7.05 -7.29 -26.66
N SER B 132 8.20 -7.01 -26.04
CA SER B 132 8.85 -5.71 -26.11
CA SER B 132 8.79 -5.68 -26.12
C SER B 132 8.99 -5.23 -27.55
N TYR B 133 9.51 -6.11 -28.39
CA TYR B 133 9.77 -5.77 -29.80
C TYR B 133 8.47 -5.50 -30.57
N VAL B 134 7.45 -6.28 -30.31
CA VAL B 134 6.18 -6.14 -31.04
C VAL B 134 5.43 -4.93 -30.55
N VAL B 135 5.48 -4.65 -29.23
CA VAL B 135 4.83 -3.45 -28.75
C VAL B 135 5.43 -2.23 -29.52
N ASP B 136 6.75 -2.21 -29.62
CA ASP B 136 7.48 -1.13 -30.29
CA ASP B 136 7.45 -1.13 -30.31
C ASP B 136 7.12 -1.07 -31.78
N HIS B 137 7.26 -2.19 -32.49
CA HIS B 137 7.23 -2.18 -33.96
C HIS B 137 5.84 -2.40 -34.59
N ALA B 138 4.79 -2.64 -33.80
CA ALA B 138 3.47 -2.89 -34.38
C ALA B 138 2.83 -1.66 -35.00
N PRO B 139 2.12 -1.86 -36.09
CA PRO B 139 1.42 -0.77 -36.72
C PRO B 139 0.07 -0.47 -36.05
N CYS B 140 -0.33 -1.32 -35.10
CA CYS B 140 -1.67 -1.25 -34.50
C CYS B 140 -1.60 -1.33 -32.98
N ASN B 141 -2.77 -1.30 -32.33
CA ASN B 141 -2.88 -1.42 -30.88
C ASN B 141 -2.27 -2.76 -30.47
N VAL B 142 -1.64 -2.79 -29.30
CA VAL B 142 -1.10 -4.06 -28.80
C VAL B 142 -1.49 -4.17 -27.36
N ILE B 143 -1.99 -5.33 -26.98
CA ILE B 143 -2.35 -5.54 -25.59
C ILE B 143 -1.54 -6.68 -25.02
N VAL B 144 -1.02 -6.42 -23.84
CA VAL B 144 -0.16 -7.36 -23.13
C VAL B 144 -0.97 -7.97 -21.98
N ILE B 145 -1.05 -9.30 -22.00
CA ILE B 145 -1.83 -10.07 -21.04
C ILE B 145 -0.95 -10.72 -19.95
N ARG B 146 -1.27 -10.40 -18.71
CA ARG B 146 -0.66 -11.00 -17.56
C ARG B 146 -1.69 -11.20 -16.44
N ASN C 2 46.63 -0.23 -34.04
CA ASN C 2 46.32 -0.09 -32.58
C ASN C 2 45.37 1.10 -32.30
N ALA C 3 44.09 0.79 -32.48
CA ALA C 3 42.98 1.67 -32.25
C ALA C 3 42.98 2.31 -30.86
N ARG C 4 42.68 3.61 -30.82
CA ARG C 4 42.42 4.31 -29.56
CA ARG C 4 42.41 4.29 -29.55
C ARG C 4 41.26 5.26 -29.77
N TYR C 5 40.60 5.67 -28.68
CA TYR C 5 39.53 6.69 -28.74
C TYR C 5 40.25 7.99 -29.00
N THR C 6 39.56 8.87 -29.72
CA THR C 6 40.04 10.20 -30.12
C THR C 6 39.22 11.33 -29.49
N ASN C 7 37.93 11.07 -29.24
CA ASN C 7 36.98 12.09 -28.89
C ASN C 7 35.82 11.45 -28.11
N ILE C 8 35.84 11.63 -26.81
CA ILE C 8 34.91 11.00 -25.89
C ILE C 8 33.89 12.02 -25.43
N LEU C 9 32.62 11.59 -25.43
CA LEU C 9 31.53 12.41 -24.92
C LEU C 9 30.97 11.78 -23.69
N VAL C 10 30.91 12.58 -22.61
CA VAL C 10 30.28 12.12 -21.38
C VAL C 10 29.09 13.03 -21.03
N PRO C 11 27.87 12.55 -21.34
CA PRO C 11 26.65 13.29 -20.90
C PRO C 11 26.43 13.10 -19.41
N VAL C 12 26.26 14.21 -18.71
CA VAL C 12 26.05 14.21 -17.29
C VAL C 12 24.76 14.93 -16.91
N ASP C 13 24.03 14.36 -15.95
CA ASP C 13 22.95 15.13 -15.32
C ASP C 13 23.54 15.57 -13.97
N SER C 14 22.70 15.85 -12.98
CA SER C 14 23.18 16.31 -11.64
C SER C 14 23.40 15.19 -10.63
N SER C 15 23.31 13.95 -11.09
CA SER C 15 23.37 12.80 -10.20
C SER C 15 24.81 12.33 -9.88
N ASP C 16 24.91 11.64 -8.75
CA ASP C 16 26.16 11.02 -8.36
C ASP C 16 26.53 9.97 -9.40
N ALA C 17 25.57 9.19 -9.85
CA ALA C 17 25.83 8.20 -10.92
C ALA C 17 26.47 8.80 -12.15
N ALA C 18 25.97 9.96 -12.59
CA ALA C 18 26.58 10.66 -13.72
C ALA C 18 28.00 11.15 -13.41
N GLN C 19 28.21 11.66 -12.20
CA GLN C 19 29.52 12.11 -11.79
C GLN C 19 30.54 10.96 -11.75
N ALA C 20 30.13 9.79 -11.24
CA ALA C 20 30.95 8.57 -11.35
C ALA C 20 31.23 8.23 -12.79
N ALA C 21 30.27 8.44 -13.70
CA ALA C 21 30.55 8.22 -15.14
C ALA C 21 31.57 9.23 -15.67
N PHE C 22 31.47 10.45 -15.19
CA PHE C 22 32.41 11.46 -15.62
C PHE C 22 33.84 11.09 -15.19
N THR C 23 33.98 10.65 -13.95
CA THR C 23 35.28 10.23 -13.44
C THR C 23 35.91 9.13 -14.24
N GLU C 24 35.11 8.17 -14.68
CA GLU C 24 35.62 7.10 -15.53
C GLU C 24 35.95 7.59 -16.90
N ALA C 25 35.11 8.49 -17.45
CA ALA C 25 35.42 9.06 -18.77
C ALA C 25 36.79 9.76 -18.75
N VAL C 26 37.10 10.46 -17.66
CA VAL C 26 38.42 11.08 -17.51
C VAL C 26 39.52 10.00 -17.49
N ASN C 27 39.29 8.87 -16.79
CA ASN C 27 40.26 7.79 -16.78
CA ASN C 27 40.28 7.79 -16.78
C ASN C 27 40.47 7.23 -18.18
N ILE C 28 39.37 7.03 -18.92
CA ILE C 28 39.48 6.52 -20.30
C ILE C 28 40.20 7.56 -21.16
N ALA C 29 39.81 8.84 -21.05
CA ALA C 29 40.49 9.89 -21.84
C ALA C 29 42.00 9.96 -21.52
N GLN C 30 42.38 9.70 -20.28
CA GLN C 30 43.79 9.66 -19.87
C GLN C 30 44.55 8.48 -20.52
N ARG C 31 43.94 7.31 -20.54
CA ARG C 31 44.56 6.13 -21.05
C ARG C 31 44.69 6.09 -22.55
N HIS C 32 43.76 6.77 -23.21
CA HIS C 32 43.72 6.90 -24.66
C HIS C 32 44.32 8.25 -25.13
N GLN C 33 44.59 9.18 -24.23
CA GLN C 33 44.88 10.59 -24.60
C GLN C 33 43.90 11.15 -25.65
N ALA C 34 42.60 10.97 -25.36
CA ALA C 34 41.50 11.43 -26.19
C ALA C 34 41.04 12.79 -25.72
N ASN C 35 40.41 13.53 -26.62
CA ASN C 35 39.66 14.71 -26.25
C ASN C 35 38.45 14.26 -25.42
N LEU C 36 38.02 15.12 -24.50
CA LEU C 36 36.89 14.83 -23.63
C LEU C 36 35.95 16.04 -23.65
N THR C 37 34.65 15.74 -23.75
CA THR C 37 33.59 16.72 -23.71
C THR C 37 32.54 16.17 -22.75
N ALA C 38 32.28 16.95 -21.73
CA ALA C 38 31.15 16.74 -20.86
C ALA C 38 29.97 17.63 -21.30
N LEU C 39 28.76 17.07 -21.26
CA LEU C 39 27.57 17.71 -21.82
C LEU C 39 26.42 17.51 -20.87
N TYR C 40 25.87 18.61 -20.38
CA TYR C 40 24.68 18.65 -19.53
C TYR C 40 23.52 19.16 -20.38
N VAL C 41 22.43 18.40 -20.46
CA VAL C 41 21.27 18.90 -21.16
C VAL C 41 20.21 19.44 -20.19
N VAL C 42 19.87 20.71 -20.34
CA VAL C 42 18.80 21.32 -19.57
C VAL C 42 17.50 20.97 -20.27
N ASP C 43 16.66 20.20 -19.61
CA ASP C 43 15.41 19.71 -20.22
C ASP C 43 14.38 20.85 -20.29
N ASP C 44 14.05 21.24 -21.52
CA ASP C 44 13.26 22.44 -21.77
C ASP C 44 11.83 22.10 -22.27
N SER C 45 11.39 20.87 -22.03
CA SER C 45 10.19 20.30 -22.65
C SER C 45 8.93 20.33 -21.74
N ALA C 46 9.03 20.95 -20.58
CA ALA C 46 7.88 21.04 -19.71
C ALA C 46 6.68 21.75 -20.37
N TYR C 47 5.50 21.25 -20.06
CA TYR C 47 4.26 21.87 -20.52
C TYR C 47 4.15 23.31 -20.06
N HIS C 48 3.93 24.21 -21.02
CA HIS C 48 3.68 25.62 -20.63
C HIS C 48 3.15 26.43 -21.79
N THR C 49 2.31 27.39 -21.45
CA THR C 49 1.78 28.31 -22.45
C THR C 49 2.78 29.46 -22.57
N PRO C 50 2.68 30.25 -23.64
CA PRO C 50 3.57 31.44 -23.77
C PRO C 50 3.59 32.38 -22.54
N ALA C 51 2.46 32.55 -21.87
CA ALA C 51 2.39 33.35 -20.62
C ALA C 51 3.40 32.89 -19.56
N LEU C 52 3.75 31.61 -19.56
CA LEU C 52 4.61 31.08 -18.51
C LEU C 52 6.09 31.02 -18.97
N ASP C 53 6.38 31.44 -20.20
CA ASP C 53 7.79 31.43 -20.70
C ASP C 53 8.79 32.05 -19.70
N PRO C 54 8.50 33.23 -19.13
CA PRO C 54 9.51 33.80 -18.23
C PRO C 54 9.70 33.04 -16.94
N VAL C 55 8.63 32.39 -16.48
CA VAL C 55 8.69 31.56 -15.30
C VAL C 55 9.58 30.32 -15.61
N LEU C 56 9.29 29.60 -16.70
CA LEU C 56 10.12 28.47 -17.10
C LEU C 56 11.58 28.93 -17.36
N SER C 57 11.77 30.03 -18.09
CA SER C 57 13.12 30.57 -18.34
C SER C 57 13.90 30.80 -17.06
N GLU C 58 13.23 31.22 -16.01
CA GLU C 58 13.91 31.48 -14.74
C GLU C 58 14.40 30.18 -14.14
N LEU C 59 13.53 29.18 -14.14
CA LEU C 59 13.86 27.87 -13.61
C LEU C 59 15.02 27.23 -14.43
N LEU C 60 14.94 27.27 -15.75
CA LEU C 60 15.97 26.62 -16.59
C LEU C 60 17.32 27.32 -16.57
N ASP C 61 17.29 28.64 -16.60
CA ASP C 61 18.49 29.43 -16.41
C ASP C 61 19.18 29.12 -15.06
N ALA C 62 18.43 28.96 -13.96
CA ALA C 62 19.10 28.57 -12.71
C ALA C 62 19.74 27.18 -12.85
N GLU C 63 19.06 26.26 -13.51
CA GLU C 63 19.58 24.89 -13.62
C GLU C 63 20.85 24.92 -14.41
N ALA C 64 20.87 25.75 -15.47
CA ALA C 64 22.02 25.89 -16.37
C ALA C 64 23.22 26.42 -15.62
N ALA C 65 22.99 27.46 -14.83
CA ALA C 65 24.02 28.08 -14.04
C ALA C 65 24.65 27.08 -13.08
N HIS C 66 23.81 26.29 -12.39
CA HIS C 66 24.27 25.22 -11.50
CA HIS C 66 24.30 25.25 -11.48
C HIS C 66 25.14 24.17 -12.21
N ALA C 67 24.72 23.79 -13.39
CA ALA C 67 25.43 22.84 -14.18
C ALA C 67 26.79 23.41 -14.57
N LYS C 68 26.83 24.71 -14.81
CA LYS C 68 28.09 25.39 -15.14
C LYS C 68 29.05 25.41 -13.93
N ASP C 69 28.49 25.53 -12.74
CA ASP C 69 29.26 25.46 -11.51
C ASP C 69 29.92 24.09 -11.37
N ALA C 70 29.12 23.03 -11.57
CA ALA C 70 29.61 21.64 -11.62
C ALA C 70 30.72 21.48 -12.63
N ARG C 72 32.75 23.88 -13.95
CA ARG C 72 33.98 24.55 -13.53
CA ARG C 72 33.94 24.57 -13.45
C ARG C 72 34.80 23.59 -12.64
N GLN C 73 34.15 22.95 -11.67
CA GLN C 73 34.75 21.99 -10.74
C GLN C 73 35.37 20.75 -11.40
N ARG C 74 34.73 20.31 -12.47
CA ARG C 74 35.26 19.25 -13.31
C ARG C 74 36.50 19.68 -14.06
N GLN C 75 36.53 20.91 -14.58
CA GLN C 75 37.77 21.40 -15.24
CA GLN C 75 37.76 21.37 -15.23
C GLN C 75 38.92 21.36 -14.22
N GLN C 76 38.63 21.74 -12.97
CA GLN C 76 39.67 21.77 -11.92
C GLN C 76 40.13 20.35 -11.62
N PHE C 77 39.16 19.42 -11.53
CA PHE C 77 39.52 18.03 -11.32
C PHE C 77 40.42 17.54 -12.42
N VAL C 78 40.00 17.76 -13.67
CA VAL C 78 40.75 17.23 -14.80
C VAL C 78 42.18 17.80 -14.82
N ALA C 79 42.40 19.00 -14.31
CA ALA C 79 43.75 19.58 -14.27
C ALA C 79 44.68 18.89 -13.27
N THR C 80 44.11 18.08 -12.37
CA THR C 80 44.93 17.27 -11.47
C THR C 80 45.30 15.94 -12.12
N THR C 81 44.72 15.64 -13.29
CA THR C 81 45.03 14.38 -13.97
C THR C 81 45.84 14.62 -15.24
N SER C 82 46.14 13.53 -15.93
CA SER C 82 46.93 13.63 -17.17
CA SER C 82 46.94 13.55 -17.16
C SER C 82 46.05 13.51 -18.41
N ALA C 83 44.74 13.61 -18.24
CA ALA C 83 43.87 13.69 -19.37
C ALA C 83 44.25 14.98 -20.10
N PRO C 84 44.23 14.98 -21.44
CA PRO C 84 44.62 16.16 -22.21
C PRO C 84 43.80 17.40 -21.97
N ASN C 85 42.47 17.26 -22.00
CA ASN C 85 41.63 18.43 -21.92
C ASN C 85 40.21 18.12 -21.46
N LEU C 86 39.44 19.19 -21.26
CA LEU C 86 38.02 19.04 -21.04
C LEU C 86 37.29 20.22 -21.68
N LYS C 87 36.38 19.90 -22.58
CA LYS C 87 35.41 20.83 -23.13
C LYS C 87 34.12 20.65 -22.32
N THR C 88 33.49 21.73 -21.92
CA THR C 88 32.26 21.62 -21.15
C THR C 88 31.19 22.33 -21.92
N GLU C 89 30.02 21.71 -21.99
CA GLU C 89 28.92 22.21 -22.79
CA GLU C 89 28.94 22.24 -22.78
C GLU C 89 27.62 22.03 -22.03
N ILE C 90 26.79 23.08 -22.02
CA ILE C 90 25.41 23.02 -21.52
C ILE C 90 24.51 23.30 -22.73
N SER C 91 23.55 22.42 -22.95
CA SER C 91 22.62 22.49 -24.06
CA SER C 91 22.61 22.56 -24.05
C SER C 91 21.18 22.43 -23.49
N TYR C 92 20.23 23.04 -24.19
CA TYR C 92 18.83 22.98 -23.87
C TYR C 92 18.15 22.12 -24.91
N GLY C 93 17.28 21.19 -24.49
CA GLY C 93 16.62 20.24 -25.41
C GLY C 93 16.05 19.06 -24.63
N ILE C 94 15.56 18.06 -25.33
CA ILE C 94 15.17 16.81 -24.71
C ILE C 94 16.48 16.01 -24.54
N PRO C 95 16.89 15.67 -23.29
CA PRO C 95 18.21 15.09 -23.06
C PRO C 95 18.61 13.93 -24.01
N LYS C 96 17.80 12.88 -24.13
CA LYS C 96 18.21 11.73 -24.91
C LYS C 96 18.36 12.05 -26.40
N HIS C 97 17.46 12.88 -26.92
CA HIS C 97 17.56 13.34 -28.32
C HIS C 97 18.83 14.19 -28.54
N THR C 98 19.13 15.06 -27.58
CA THR C 98 20.24 16.01 -27.70
C THR C 98 21.56 15.27 -27.68
N ILE C 99 21.66 14.25 -26.84
CA ILE C 99 22.87 13.43 -26.77
C ILE C 99 23.09 12.73 -28.09
N GLU C 100 22.04 12.06 -28.56
CA GLU C 100 22.07 11.36 -29.83
C GLU C 100 22.53 12.32 -30.95
N ASP C 101 21.89 13.47 -31.03
CA ASP C 101 22.22 14.48 -32.05
C ASP C 101 23.65 14.98 -31.91
N TYR C 102 24.13 15.17 -30.66
CA TYR C 102 25.49 15.62 -30.45
C TYR C 102 26.48 14.61 -31.05
N ALA C 103 26.27 13.33 -30.77
CA ALA C 103 27.14 12.32 -31.31
C ALA C 103 27.07 12.22 -32.84
N LYS C 104 25.88 12.34 -33.43
CA LYS C 104 25.74 12.18 -34.87
C LYS C 104 26.26 13.40 -35.64
N GLN C 105 26.12 14.56 -35.02
CA GLN C 105 26.45 15.82 -35.62
C GLN C 105 27.93 16.17 -35.40
N HIS C 106 28.58 15.48 -34.45
CA HIS C 106 30.03 15.56 -34.25
C HIS C 106 30.59 14.16 -34.46
N PRO C 107 30.58 13.68 -35.72
CA PRO C 107 30.87 12.28 -35.97
C PRO C 107 32.29 11.82 -35.60
N GLU C 108 33.18 12.75 -35.26
CA GLU C 108 34.50 12.36 -34.71
C GLU C 108 34.38 11.71 -33.30
N ILE C 109 33.25 11.88 -32.65
CA ILE C 109 32.99 11.24 -31.39
C ILE C 109 32.98 9.71 -31.58
N ASP C 110 33.84 9.06 -30.82
CA ASP C 110 33.98 7.59 -30.92
C ASP C 110 33.72 6.82 -29.61
N LEU C 111 33.29 7.52 -28.56
CA LEU C 111 32.79 6.85 -27.34
C LEU C 111 31.85 7.78 -26.62
N ILE C 112 30.78 7.21 -26.09
CA ILE C 112 29.90 7.89 -25.18
C ILE C 112 29.95 7.15 -23.88
N VAL C 113 30.12 7.91 -22.78
CA VAL C 113 30.19 7.34 -21.47
C VAL C 113 28.98 7.83 -20.71
N LEU C 114 28.24 6.92 -20.11
CA LEU C 114 27.00 7.20 -19.40
C LEU C 114 26.90 6.52 -18.08
N GLY C 115 26.30 7.18 -17.08
CA GLY C 115 25.88 6.43 -15.91
C GLY C 115 24.75 5.46 -16.23
N ALA C 116 24.69 4.39 -15.46
CA ALA C 116 23.55 3.45 -15.60
C ALA C 116 22.22 4.15 -15.28
N THR C 117 22.19 4.90 -14.20
CA THR C 117 20.99 5.62 -13.77
C THR C 117 21.36 7.08 -13.55
N GLY C 118 20.35 7.88 -13.17
CA GLY C 118 20.48 9.32 -13.14
C GLY C 118 19.68 9.85 -11.97
N THR C 119 19.08 11.03 -12.13
CA THR C 119 18.47 11.66 -10.96
C THR C 119 17.14 11.04 -10.59
N ASN C 120 16.45 10.45 -11.56
CA ASN C 120 15.06 10.13 -11.34
C ASN C 120 14.72 8.76 -10.84
N SER C 121 15.42 7.74 -11.33
CA SER C 121 14.91 6.41 -11.08
C SER C 121 15.95 5.43 -10.45
N PRO C 122 16.97 5.92 -9.73
CA PRO C 122 17.99 4.96 -9.25
C PRO C 122 17.39 3.83 -8.40
N HIS C 123 16.25 4.15 -7.77
CA HIS C 123 15.54 3.30 -6.84
CA HIS C 123 15.67 3.15 -6.91
C HIS C 123 14.48 2.41 -7.49
N ARG C 124 14.30 2.53 -8.80
CA ARG C 124 13.26 1.75 -9.51
C ARG C 124 13.76 0.89 -10.65
N VAL C 125 14.88 1.27 -11.26
CA VAL C 125 15.43 0.62 -12.47
C VAL C 125 16.91 0.37 -12.29
N ALA C 126 17.48 -0.60 -13.02
CA ALA C 126 18.94 -0.76 -13.05
C ALA C 126 19.56 0.07 -14.18
N VAL C 127 18.79 0.42 -15.20
CA VAL C 127 19.28 1.28 -16.29
C VAL C 127 18.18 2.28 -16.64
N GLY C 128 18.51 3.55 -16.66
CA GLY C 128 17.52 4.60 -16.97
C GLY C 128 17.21 4.74 -18.44
N SER C 129 16.11 5.42 -18.74
CA SER C 129 15.64 5.52 -20.13
C SER C 129 16.53 6.40 -21.03
N THR C 130 17.32 7.28 -20.46
CA THR C 130 18.25 8.10 -21.28
C THR C 130 19.38 7.18 -21.75
N THR C 131 19.97 6.43 -20.82
CA THR C 131 20.96 5.41 -21.17
C THR C 131 20.49 4.41 -22.17
N SER C 132 19.32 3.81 -21.95
CA SER C 132 18.80 2.83 -22.89
CA SER C 132 18.71 2.85 -22.89
C SER C 132 18.58 3.42 -24.29
N TYR C 133 18.06 4.65 -24.36
CA TYR C 133 17.89 5.32 -25.64
C TYR C 133 19.26 5.52 -26.39
N VAL C 134 20.25 5.99 -25.64
CA VAL C 134 21.53 6.35 -26.21
C VAL C 134 22.29 5.10 -26.60
N VAL C 135 22.24 4.05 -25.78
CA VAL C 135 22.86 2.77 -26.16
C VAL C 135 22.30 2.32 -27.50
N ASP C 136 20.99 2.49 -27.67
CA ASP C 136 20.34 2.03 -28.89
CA ASP C 136 20.32 2.05 -28.91
C ASP C 136 20.74 2.91 -30.11
N HIS C 137 20.64 4.21 -29.96
CA HIS C 137 20.73 5.15 -31.06
C HIS C 137 22.10 5.74 -31.34
N ALA C 138 23.12 5.47 -30.52
CA ALA C 138 24.42 6.07 -30.72
C ALA C 138 25.09 5.49 -31.94
N PRO C 139 25.82 6.29 -32.69
CA PRO C 139 26.53 5.80 -33.88
C PRO C 139 27.87 5.12 -33.54
N CYS C 140 28.25 5.09 -32.27
CA CYS C 140 29.57 4.72 -31.80
C CYS C 140 29.46 3.83 -30.55
N ASN C 141 30.60 3.45 -30.02
CA ASN C 141 30.69 2.61 -28.87
C ASN C 141 30.06 3.39 -27.73
N VAL C 142 29.39 2.69 -26.85
CA VAL C 142 28.86 3.29 -25.62
C VAL C 142 29.21 2.45 -24.37
N ILE C 143 29.65 3.10 -23.28
CA ILE C 143 29.95 2.35 -22.09
C ILE C 143 29.06 2.89 -20.99
N VAL C 144 28.47 1.97 -20.26
CA VAL C 144 27.59 2.25 -19.18
C VAL C 144 28.36 1.94 -17.88
N ILE C 145 28.40 2.95 -17.02
CA ILE C 145 29.16 2.94 -15.77
C ILE C 145 28.23 2.68 -14.56
N ARG C 146 28.53 1.66 -13.79
CA ARG C 146 27.87 1.46 -12.53
C ARG C 146 28.86 0.98 -11.48
N ASN D 2 47.66 4.06 -11.03
CA ASN D 2 46.52 4.43 -11.93
C ASN D 2 45.45 3.31 -12.07
N ALA D 3 44.17 3.70 -11.95
CA ALA D 3 43.05 2.74 -11.79
C ALA D 3 42.80 1.91 -13.07
N ARG D 4 42.56 0.60 -12.89
CA ARG D 4 42.52 -0.36 -13.99
C ARG D 4 41.45 -1.45 -13.85
N TYR D 5 40.93 -1.95 -14.97
CA TYR D 5 40.14 -3.19 -15.01
C TYR D 5 41.09 -4.33 -14.68
N THR D 6 40.53 -5.35 -14.06
CA THR D 6 41.27 -6.54 -13.57
C THR D 6 40.76 -7.82 -14.20
N ASN D 7 39.47 -7.86 -14.55
CA ASN D 7 38.90 -9.09 -15.06
C ASN D 7 37.78 -8.84 -16.05
N ILE D 8 38.08 -9.00 -17.32
CA ILE D 8 37.13 -8.69 -18.40
C ILE D 8 36.47 -9.94 -18.91
N LEU D 9 35.17 -9.84 -19.18
CA LEU D 9 34.38 -10.87 -19.81
C LEU D 9 33.91 -10.39 -21.17
N VAL D 10 34.14 -11.19 -22.18
CA VAL D 10 33.65 -10.87 -23.51
C VAL D 10 32.79 -12.00 -24.07
N PRO D 11 31.46 -11.86 -23.91
CA PRO D 11 30.63 -12.89 -24.53
C PRO D 11 30.59 -12.72 -26.06
N VAL D 12 30.71 -13.85 -26.74
CA VAL D 12 30.75 -13.91 -28.19
C VAL D 12 29.79 -14.97 -28.70
N ASP D 13 29.03 -14.60 -29.76
CA ASP D 13 28.32 -15.57 -30.62
C ASP D 13 29.20 -15.77 -31.83
N SER D 14 28.63 -16.26 -32.95
CA SER D 14 29.43 -16.53 -34.13
C SER D 14 29.54 -15.33 -35.10
N SER D 15 29.08 -14.15 -34.67
CA SER D 15 28.88 -13.02 -35.60
C SER D 15 30.14 -12.21 -35.77
N ASP D 16 30.25 -11.45 -36.86
CA ASP D 16 31.41 -10.55 -37.03
C ASP D 16 31.37 -9.45 -35.97
N ALA D 17 30.17 -9.00 -35.58
CA ALA D 17 30.05 -7.96 -34.54
C ALA D 17 30.60 -8.44 -33.20
N ALA D 18 30.34 -9.69 -32.84
CA ALA D 18 30.91 -10.24 -31.61
C ALA D 18 32.43 -10.38 -31.70
N GLN D 19 32.93 -10.74 -32.88
CA GLN D 19 34.36 -10.85 -33.06
C GLN D 19 35.06 -9.49 -32.98
N ALA D 20 34.38 -8.43 -33.42
CA ALA D 20 34.91 -7.07 -33.27
C ALA D 20 34.89 -6.66 -31.79
N ALA D 21 33.87 -7.09 -31.05
CA ALA D 21 33.88 -6.90 -29.61
C ALA D 21 35.04 -7.64 -28.97
N PHE D 22 35.28 -8.89 -29.34
CA PHE D 22 36.48 -9.63 -28.83
C PHE D 22 37.79 -8.88 -29.10
N THR D 23 37.97 -8.46 -30.33
CA THR D 23 39.17 -7.68 -30.70
C THR D 23 39.38 -6.43 -29.85
N GLU D 24 38.31 -5.69 -29.56
CA GLU D 24 38.45 -4.56 -28.70
C GLU D 24 38.71 -5.00 -27.26
N ALA D 25 38.04 -6.07 -26.80
CA ALA D 25 38.29 -6.63 -25.47
C ALA D 25 39.78 -7.02 -25.29
N VAL D 26 40.40 -7.57 -26.32
CA VAL D 26 41.87 -7.83 -26.27
C VAL D 26 42.67 -6.51 -26.07
N ASN D 27 42.29 -5.47 -26.82
CA ASN D 27 42.93 -4.16 -26.72
C ASN D 27 42.76 -3.54 -25.32
N ILE D 28 41.57 -3.68 -24.74
CA ILE D 28 41.31 -3.20 -23.39
C ILE D 28 42.16 -3.98 -22.38
N ALA D 29 42.23 -5.30 -22.57
CA ALA D 29 42.97 -6.21 -21.68
C ALA D 29 44.48 -5.89 -21.69
N GLN D 30 44.99 -5.64 -22.87
CA GLN D 30 46.39 -5.17 -23.01
C GLN D 30 46.69 -3.84 -22.30
N ARG D 31 45.80 -2.86 -22.45
CA ARG D 31 45.97 -1.54 -21.87
C ARG D 31 45.96 -1.64 -20.37
N HIS D 32 45.02 -2.41 -19.83
CA HIS D 32 44.86 -2.54 -18.39
C HIS D 32 45.65 -3.68 -17.75
N GLN D 33 46.31 -4.49 -18.58
CA GLN D 33 46.96 -5.74 -18.13
C GLN D 33 45.97 -6.60 -17.32
N ALA D 34 44.77 -6.73 -17.86
CA ALA D 34 43.65 -7.42 -17.23
C ALA D 34 43.55 -8.88 -17.65
N ASN D 35 43.01 -9.72 -16.78
CA ASN D 35 42.57 -11.04 -17.24
C ASN D 35 41.43 -10.91 -18.26
N LEU D 36 41.31 -11.86 -19.14
CA LEU D 36 40.25 -11.81 -20.16
C LEU D 36 39.64 -13.16 -20.26
N THR D 37 38.30 -13.22 -20.28
CA THR D 37 37.55 -14.45 -20.53
C THR D 37 36.56 -14.22 -21.69
N ALA D 38 36.65 -15.05 -22.72
CA ALA D 38 35.68 -15.12 -23.83
C ALA D 38 34.71 -16.29 -23.58
N LEU D 39 33.42 -16.02 -23.68
CA LEU D 39 32.36 -16.98 -23.35
C LEU D 39 31.37 -17.09 -24.50
N TYR D 40 31.24 -18.31 -25.06
CA TYR D 40 30.20 -18.59 -26.00
C TYR D 40 29.11 -19.40 -25.35
N VAL D 41 27.87 -18.97 -25.50
CA VAL D 41 26.75 -19.76 -24.97
C VAL D 41 26.03 -20.49 -26.08
N VAL D 42 25.97 -21.80 -25.98
CA VAL D 42 25.21 -22.64 -26.90
C VAL D 42 23.77 -22.66 -26.39
N ASP D 43 22.84 -22.09 -27.16
CA ASP D 43 21.47 -21.89 -26.66
C ASP D 43 20.80 -23.25 -26.70
N ASP D 44 20.38 -23.76 -25.54
CA ASP D 44 19.78 -25.07 -25.46
C ASP D 44 18.28 -25.06 -25.19
N SER D 45 17.58 -24.02 -25.58
CA SER D 45 16.22 -23.85 -25.12
C SER D 45 15.21 -24.25 -26.17
N ALA D 46 15.67 -24.85 -27.28
CA ALA D 46 14.77 -25.17 -28.39
C ALA D 46 13.70 -26.16 -27.92
N TYR D 47 12.46 -25.88 -28.30
CA TYR D 47 11.37 -26.77 -28.00
C TYR D 47 11.69 -28.16 -28.52
N HIS D 48 11.53 -29.16 -27.66
CA HIS D 48 11.60 -30.55 -28.10
C HIS D 48 10.95 -31.45 -27.06
N THR D 49 10.26 -32.48 -27.52
CA THR D 49 9.87 -33.58 -26.64
C THR D 49 11.12 -34.45 -26.40
N PRO D 50 11.13 -35.27 -25.32
CA PRO D 50 12.25 -36.20 -25.04
C PRO D 50 12.69 -37.04 -26.24
N ALA D 51 11.76 -37.38 -27.12
CA ALA D 51 12.08 -38.21 -28.29
C ALA D 51 13.14 -37.57 -29.19
N LEU D 52 13.26 -36.24 -29.14
CA LEU D 52 14.17 -35.55 -30.03
C LEU D 52 15.49 -35.15 -29.40
N ASP D 53 15.71 -35.55 -28.15
CA ASP D 53 16.99 -35.31 -27.50
C ASP D 53 18.25 -35.47 -28.40
N PRO D 54 18.47 -36.66 -28.99
CA PRO D 54 19.67 -36.90 -29.83
C PRO D 54 19.85 -36.04 -31.10
N VAL D 55 18.74 -35.65 -31.70
CA VAL D 55 18.79 -34.73 -32.82
C VAL D 55 19.23 -33.34 -32.29
N LEU D 56 18.68 -32.91 -31.17
CA LEU D 56 19.11 -31.62 -30.60
C LEU D 56 20.60 -31.64 -30.22
N SER D 57 21.06 -32.73 -29.60
CA SER D 57 22.48 -32.88 -29.25
C SER D 57 23.39 -32.85 -30.47
N GLU D 58 22.99 -33.48 -31.55
CA GLU D 58 23.80 -33.41 -32.76
C GLU D 58 23.99 -31.96 -33.21
N LEU D 59 22.92 -31.17 -33.14
CA LEU D 59 22.96 -29.79 -33.58
C LEU D 59 23.85 -28.98 -32.63
N LEU D 60 23.62 -29.10 -31.34
CA LEU D 60 24.32 -28.29 -30.38
C LEU D 60 25.78 -28.72 -30.26
N ASP D 61 26.07 -30.01 -30.39
CA ASP D 61 27.44 -30.41 -30.20
C ASP D 61 28.29 -29.91 -31.37
N ALA D 62 27.72 -29.89 -32.57
CA ALA D 62 28.37 -29.29 -33.73
C ALA D 62 28.63 -27.78 -33.56
N GLU D 63 27.64 -27.08 -33.00
CA GLU D 63 27.75 -25.62 -32.69
C GLU D 63 28.85 -25.38 -31.68
N ALA D 64 28.84 -26.20 -30.63
CA ALA D 64 29.92 -26.20 -29.63
C ALA D 64 31.27 -26.44 -30.23
N ALA D 65 31.36 -27.36 -31.19
CA ALA D 65 32.68 -27.69 -31.75
C ALA D 65 33.23 -26.51 -32.56
N HIS D 66 32.36 -25.88 -33.36
CA HIS D 66 32.70 -24.65 -34.11
C HIS D 66 33.15 -23.53 -33.19
N ALA D 67 32.41 -23.35 -32.10
CA ALA D 67 32.80 -22.37 -31.09
C ALA D 67 34.15 -22.69 -30.49
N LYS D 68 34.45 -23.98 -30.23
CA LYS D 68 35.81 -24.34 -29.70
C LYS D 68 36.94 -24.06 -30.70
N ASP D 69 36.70 -24.35 -31.96
CA ASP D 69 37.66 -24.02 -32.99
CA ASP D 69 37.64 -24.00 -33.05
C ASP D 69 37.88 -22.51 -33.09
N ALA D 70 36.82 -21.73 -32.92
CA ALA D 70 36.97 -20.27 -32.89
C ALA D 70 37.79 -19.82 -31.67
N ARG D 72 40.09 -21.50 -30.07
CA ARG D 72 41.49 -21.91 -30.30
C ARG D 72 42.21 -20.83 -31.16
N GLN D 73 41.58 -20.40 -32.24
CA GLN D 73 42.16 -19.29 -33.04
C GLN D 73 42.32 -18.00 -32.24
N ARG D 74 41.43 -17.76 -31.31
CA ARG D 74 41.53 -16.56 -30.47
C ARG D 74 42.66 -16.69 -29.50
N GLN D 75 42.93 -17.90 -29.01
CA GLN D 75 44.04 -18.07 -28.05
C GLN D 75 45.37 -17.79 -28.76
N GLN D 76 45.46 -18.26 -29.98
CA GLN D 76 46.66 -17.99 -30.80
C GLN D 76 46.83 -16.50 -31.04
N PHE D 77 45.73 -15.81 -31.35
CA PHE D 77 45.79 -14.38 -31.60
C PHE D 77 46.31 -13.62 -30.37
N VAL D 78 45.76 -13.92 -29.20
CA VAL D 78 46.13 -13.21 -27.96
C VAL D 78 47.60 -13.42 -27.60
N ALA D 79 48.15 -14.57 -27.99
CA ALA D 79 49.57 -14.89 -27.74
C ALA D 79 50.53 -14.00 -28.54
N THR D 80 50.04 -13.35 -29.62
CA THR D 80 50.83 -12.38 -30.37
C THR D 80 50.72 -10.96 -29.80
N THR D 81 49.96 -10.78 -28.71
CA THR D 81 49.74 -9.44 -28.10
C THR D 81 50.37 -9.40 -26.71
N SER D 82 50.33 -8.26 -26.06
CA SER D 82 50.87 -8.21 -24.71
C SER D 82 49.76 -8.32 -23.70
N ALA D 83 48.56 -8.73 -24.11
CA ALA D 83 47.54 -9.07 -23.13
C ALA D 83 48.01 -10.34 -22.39
N PRO D 84 47.95 -10.31 -21.05
CA PRO D 84 48.50 -11.38 -20.18
C PRO D 84 47.89 -12.77 -20.36
N ASN D 85 46.60 -12.86 -20.73
CA ASN D 85 45.98 -14.15 -20.84
C ASN D 85 44.62 -14.18 -21.50
N LEU D 86 44.23 -15.38 -21.88
CA LEU D 86 42.87 -15.62 -22.34
C LEU D 86 42.38 -16.96 -21.80
N LYS D 87 41.31 -16.90 -21.01
CA LYS D 87 40.51 -18.07 -20.70
C LYS D 87 39.34 -18.09 -21.67
N THR D 88 39.02 -19.29 -22.15
CA THR D 88 37.90 -19.47 -23.05
C THR D 88 36.93 -20.47 -22.43
N GLU D 89 35.64 -20.20 -22.60
CA GLU D 89 34.61 -21.01 -22.04
C GLU D 89 33.41 -21.15 -22.98
N ILE D 90 32.92 -22.38 -23.18
CA ILE D 90 31.66 -22.67 -23.87
C ILE D 90 30.70 -23.21 -22.80
N SER D 91 29.52 -22.64 -22.69
CA SER D 91 28.53 -23.23 -21.81
C SER D 91 27.18 -23.28 -22.52
N TYR D 92 26.29 -24.13 -22.00
CA TYR D 92 24.97 -24.31 -22.55
C TYR D 92 23.97 -23.62 -21.64
N GLY D 93 23.02 -22.92 -22.24
CA GLY D 93 21.96 -22.30 -21.47
C GLY D 93 21.30 -21.23 -22.33
N ILE D 94 20.44 -20.43 -21.71
CA ILE D 94 19.91 -19.28 -22.41
C ILE D 94 20.95 -18.17 -22.35
N PRO D 95 21.43 -17.72 -23.52
CA PRO D 95 22.60 -16.85 -23.56
C PRO D 95 22.53 -15.63 -22.62
N LYS D 96 21.44 -14.86 -22.64
CA LYS D 96 21.45 -13.63 -21.83
C LYS D 96 21.48 -13.91 -20.33
N HIS D 97 20.74 -14.93 -19.93
CA HIS D 97 20.73 -15.38 -18.52
C HIS D 97 22.09 -15.85 -18.11
N THR D 98 22.72 -16.59 -19.00
CA THR D 98 23.99 -17.28 -18.73
C THR D 98 25.10 -16.24 -18.60
N ILE D 99 25.04 -15.17 -19.40
CA ILE D 99 26.02 -14.09 -19.34
C ILE D 99 25.84 -13.38 -18.02
N GLU D 100 24.60 -13.01 -17.70
CA GLU D 100 24.31 -12.35 -16.42
C GLU D 100 24.80 -13.18 -15.21
N ASP D 101 24.45 -14.45 -15.19
CA ASP D 101 24.85 -15.33 -14.11
C ASP D 101 26.38 -15.46 -14.03
N TYR D 102 27.06 -15.56 -15.19
CA TYR D 102 28.53 -15.64 -15.18
C TYR D 102 29.12 -14.44 -14.46
N ALA D 103 28.68 -13.23 -14.83
CA ALA D 103 29.15 -12.03 -14.16
C ALA D 103 28.84 -12.00 -12.70
N LYS D 104 27.61 -12.36 -12.34
CA LYS D 104 27.23 -12.29 -10.92
C LYS D 104 27.90 -13.37 -10.06
N GLN D 105 28.16 -14.52 -10.66
CA GLN D 105 28.68 -15.66 -9.90
C GLN D 105 30.24 -15.70 -9.94
N HIS D 106 30.84 -14.82 -10.76
CA HIS D 106 32.27 -14.51 -10.75
C HIS D 106 32.42 -13.00 -10.53
N PRO D 107 32.25 -12.55 -9.28
CA PRO D 107 32.11 -11.14 -9.06
C PRO D 107 33.41 -10.32 -9.23
N GLU D 108 34.53 -10.99 -9.47
CA GLU D 108 35.77 -10.28 -9.78
C GLU D 108 35.67 -9.59 -11.14
N ILE D 109 34.78 -10.07 -12.00
CA ILE D 109 34.57 -9.49 -13.32
C ILE D 109 34.09 -8.04 -13.14
N ASP D 110 34.81 -7.09 -13.72
CA ASP D 110 34.54 -5.65 -13.62
C ASP D 110 34.30 -4.95 -14.96
N LEU D 111 34.25 -5.71 -16.06
CA LEU D 111 33.78 -5.16 -17.36
C LEU D 111 33.24 -6.31 -18.21
N ILE D 112 32.12 -6.08 -18.89
CA ILE D 112 31.61 -6.95 -19.96
C ILE D 112 31.65 -6.19 -21.26
N VAL D 113 32.17 -6.82 -22.32
CA VAL D 113 32.31 -6.24 -23.59
C VAL D 113 31.43 -7.08 -24.56
N LEU D 114 30.55 -6.39 -25.28
CA LEU D 114 29.51 -7.01 -26.10
C LEU D 114 29.45 -6.33 -27.43
N GLY D 115 29.18 -7.10 -28.46
CA GLY D 115 28.78 -6.44 -29.67
C GLY D 115 27.43 -5.80 -29.57
N ALA D 116 27.19 -4.74 -30.33
CA ALA D 116 25.83 -4.16 -30.39
C ALA D 116 24.79 -5.12 -30.92
N THR D 117 25.13 -5.82 -31.98
CA THR D 117 24.25 -6.78 -32.56
C THR D 117 24.96 -8.14 -32.67
N GLY D 118 24.26 -9.14 -33.19
CA GLY D 118 24.75 -10.51 -33.21
C GLY D 118 24.28 -11.14 -34.51
N THR D 119 23.93 -12.40 -34.44
CA THR D 119 23.63 -13.15 -35.66
C THR D 119 22.24 -12.91 -36.24
N ASN D 120 21.28 -12.47 -35.43
CA ASN D 120 19.84 -12.46 -35.81
C ASN D 120 19.28 -11.17 -36.32
N SER D 121 19.68 -10.07 -35.73
CA SER D 121 18.89 -8.89 -35.93
C SER D 121 19.61 -7.67 -36.46
N PRO D 122 20.78 -7.84 -37.13
CA PRO D 122 21.49 -6.61 -37.46
C PRO D 122 20.79 -5.67 -38.47
N HIS D 123 20.01 -6.23 -39.41
CA HIS D 123 19.20 -5.38 -40.34
C HIS D 123 17.79 -5.05 -39.82
N ARG D 124 17.54 -5.29 -38.54
CA ARG D 124 16.24 -5.01 -37.93
C ARG D 124 16.31 -4.13 -36.69
N VAL D 125 17.38 -4.25 -35.90
CA VAL D 125 17.56 -3.38 -34.74
C VAL D 125 18.98 -2.84 -34.71
N ALA D 126 19.17 -1.76 -33.95
CA ALA D 126 20.49 -1.20 -33.71
C ALA D 126 21.22 -1.88 -32.54
N VAL D 127 20.45 -2.46 -31.60
CA VAL D 127 21.03 -3.20 -30.47
C VAL D 127 20.18 -4.45 -30.23
N GLY D 128 20.81 -5.60 -30.09
CA GLY D 128 20.09 -6.85 -29.92
C GLY D 128 19.64 -7.05 -28.50
N SER D 129 18.73 -8.00 -28.33
CA SER D 129 18.09 -8.25 -27.05
C SER D 129 19.05 -8.85 -25.99
N THR D 130 20.12 -9.52 -26.41
CA THR D 130 21.14 -10.00 -25.44
C THR D 130 21.89 -8.87 -24.87
N THR D 131 22.31 -7.96 -25.76
CA THR D 131 23.02 -6.80 -25.29
C THR D 131 22.19 -5.97 -24.40
N SER D 132 20.97 -5.69 -24.81
CA SER D 132 20.06 -4.91 -23.98
CA SER D 132 20.17 -4.85 -23.96
C SER D 132 19.81 -5.52 -22.61
N TYR D 133 19.57 -6.81 -22.58
CA TYR D 133 19.37 -7.51 -21.29
C TYR D 133 20.58 -7.39 -20.38
N VAL D 134 21.77 -7.59 -20.96
CA VAL D 134 23.00 -7.66 -20.16
C VAL D 134 23.33 -6.26 -19.68
N VAL D 135 23.15 -5.24 -20.54
CA VAL D 135 23.29 -3.84 -20.06
C VAL D 135 22.44 -3.60 -18.85
N ASP D 136 21.21 -4.07 -18.92
CA ASP D 136 20.26 -3.90 -17.85
C ASP D 136 20.66 -4.66 -16.58
N HIS D 137 21.09 -5.90 -16.73
CA HIS D 137 21.21 -6.81 -15.58
C HIS D 137 22.61 -7.06 -15.05
N ALA D 138 23.63 -6.50 -15.68
CA ALA D 138 25.01 -6.78 -15.32
C ALA D 138 25.33 -6.04 -14.02
N PRO D 139 26.12 -6.66 -13.15
CA PRO D 139 26.49 -6.00 -11.92
C PRO D 139 27.68 -5.07 -12.07
N CYS D 140 28.21 -4.91 -13.27
CA CYS D 140 29.43 -4.14 -13.49
C CYS D 140 29.28 -3.29 -14.72
N ASN D 141 30.32 -2.54 -15.07
CA ASN D 141 30.30 -1.73 -16.27
C ASN D 141 30.16 -2.61 -17.50
N VAL D 142 29.50 -2.09 -18.49
CA VAL D 142 29.31 -2.85 -19.77
C VAL D 142 29.58 -1.90 -20.91
N ILE D 143 30.40 -2.34 -21.88
CA ILE D 143 30.66 -1.51 -23.04
C ILE D 143 30.14 -2.25 -24.28
N VAL D 144 29.46 -1.49 -25.11
CA VAL D 144 28.82 -1.97 -26.30
C VAL D 144 29.67 -1.48 -27.48
N ILE D 145 30.17 -2.42 -28.25
CA ILE D 145 31.04 -2.15 -29.40
C ILE D 145 30.26 -2.17 -30.76
N ARG D 146 30.40 -1.10 -31.52
CA ARG D 146 29.91 -1.04 -32.88
C ARG D 146 30.83 -0.23 -33.78
N ASN E 2 14.96 13.36 12.88
CA ASN E 2 15.82 12.25 13.42
C ASN E 2 15.55 11.94 14.93
N ALA E 3 14.31 12.08 15.40
CA ALA E 3 14.05 11.94 16.86
C ALA E 3 14.42 10.55 17.35
N ARG E 4 14.78 10.39 18.62
CA ARG E 4 14.95 9.03 19.17
C ARG E 4 14.22 8.80 20.50
N TYR E 5 13.82 7.56 20.77
CA TYR E 5 13.28 7.22 22.10
C TYR E 5 14.40 7.19 23.13
N THR E 6 14.07 7.62 24.34
CA THR E 6 15.02 7.66 25.42
C THR E 6 14.70 6.63 26.53
N ASN E 7 13.41 6.35 26.80
CA ASN E 7 13.02 5.51 27.93
C ASN E 7 11.72 4.76 27.64
N ILE E 8 11.83 3.47 27.40
CA ILE E 8 10.71 2.63 26.93
C ILE E 8 10.18 1.78 28.07
N LEU E 9 8.85 1.68 28.18
CA LEU E 9 8.22 0.81 29.13
C LEU E 9 7.45 -0.28 28.38
N VAL E 10 7.67 -1.53 28.76
CA VAL E 10 6.94 -2.67 28.22
C VAL E 10 6.24 -3.41 29.36
N PRO E 11 4.94 -3.10 29.57
CA PRO E 11 4.14 -3.86 30.53
C PRO E 11 3.93 -5.27 29.99
N VAL E 12 4.21 -6.26 30.81
CA VAL E 12 4.01 -7.64 30.39
C VAL E 12 3.12 -8.37 31.41
N ASP E 13 2.17 -9.16 30.91
CA ASP E 13 1.52 -10.23 31.71
C ASP E 13 2.23 -11.55 31.41
N SER E 14 1.64 -12.70 31.74
CA SER E 14 2.25 -14.00 31.50
C SER E 14 1.96 -14.58 30.12
N SER E 15 1.37 -13.80 29.22
CA SER E 15 0.95 -14.35 27.93
C SER E 15 2.07 -14.42 26.88
N ASP E 16 1.89 -15.30 25.90
CA ASP E 16 2.75 -15.33 24.70
C ASP E 16 2.74 -14.00 23.99
N ALA E 17 1.57 -13.38 23.89
CA ALA E 17 1.45 -12.07 23.24
C ALA E 17 2.28 -10.98 23.89
N ALA E 18 2.30 -10.93 25.23
CA ALA E 18 3.09 -9.97 25.97
C ALA E 18 4.59 -10.22 25.80
N GLN E 19 5.00 -11.49 25.80
CA GLN E 19 6.39 -11.83 25.53
C GLN E 19 6.81 -11.38 24.14
N ALA E 20 5.94 -11.57 23.13
CA ALA E 20 6.19 -11.01 21.80
C ALA E 20 6.39 -9.46 21.84
N ALA E 21 5.50 -8.75 22.54
CA ALA E 21 5.72 -7.32 22.78
C ALA E 21 7.10 -7.04 23.39
N PHE E 22 7.48 -7.82 24.39
CA PHE E 22 8.79 -7.64 25.03
C PHE E 22 9.91 -7.82 24.02
N THR E 23 9.84 -8.86 23.21
CA THR E 23 10.87 -9.13 22.23
C THR E 23 11.03 -7.96 21.27
N GLU E 24 9.91 -7.40 20.84
CA GLU E 24 9.96 -6.22 19.99
C GLU E 24 10.49 -5.02 20.76
N ALA E 25 10.10 -4.86 22.02
CA ALA E 25 10.56 -3.74 22.84
C ALA E 25 12.08 -3.70 22.95
N VAL E 26 12.69 -4.88 23.04
CA VAL E 26 14.15 -5.01 23.06
C VAL E 26 14.71 -4.50 21.76
N ASN E 27 14.09 -4.89 20.63
CA ASN E 27 14.54 -4.43 19.33
CA ASN E 27 14.51 -4.44 19.31
C ASN E 27 14.46 -2.91 19.21
N ILE E 28 13.40 -2.29 19.71
CA ILE E 28 13.29 -0.84 19.63
C ILE E 28 14.38 -0.22 20.52
N ALA E 29 14.54 -0.77 21.72
CA ALA E 29 15.54 -0.29 22.68
C ALA E 29 16.96 -0.33 22.10
N GLN E 30 17.23 -1.36 21.29
CA GLN E 30 18.55 -1.56 20.70
CA GLN E 30 18.53 -1.58 20.69
C GLN E 30 18.77 -0.52 19.62
N ARG E 31 17.73 -0.25 18.84
CA ARG E 31 17.79 0.68 17.72
C ARG E 31 17.97 2.14 18.13
N HIS E 32 17.38 2.52 19.26
CA HIS E 32 17.37 3.90 19.69
C HIS E 32 18.38 4.12 20.83
N GLN E 33 19.03 3.03 21.21
CA GLN E 33 19.87 2.94 22.39
C GLN E 33 19.22 3.62 23.59
N ALA E 34 17.97 3.21 23.84
CA ALA E 34 17.15 3.74 24.88
C ALA E 34 17.20 2.85 26.13
N ASN E 35 16.83 3.43 27.27
CA ASN E 35 16.62 2.63 28.47
C ASN E 35 15.35 1.77 28.26
N LEU E 36 15.29 0.62 28.94
CA LEU E 36 14.13 -0.28 28.84
C LEU E 36 13.73 -0.78 30.21
N THR E 37 12.43 -0.75 30.47
CA THR E 37 11.85 -1.22 31.70
C THR E 37 10.71 -2.17 31.33
N ALA E 38 10.74 -3.40 31.88
CA ALA E 38 9.62 -4.32 31.81
C ALA E 38 8.89 -4.28 33.15
N LEU E 39 7.56 -4.26 33.09
CA LEU E 39 6.75 -4.11 34.29
C LEU E 39 5.65 -5.15 34.30
N TYR E 40 5.59 -5.94 35.37
CA TYR E 40 4.50 -6.90 35.59
C TYR E 40 3.67 -6.50 36.78
N VAL E 41 2.37 -6.35 36.54
CA VAL E 41 1.49 -5.93 37.60
C VAL E 41 0.69 -7.13 38.09
N VAL E 42 0.89 -7.47 39.35
CA VAL E 42 0.11 -8.48 40.02
C VAL E 42 -1.23 -7.85 40.47
N ASP E 43 -2.32 -8.32 39.85
CA ASP E 43 -3.65 -7.77 40.14
C ASP E 43 -4.09 -8.25 41.52
N ASP E 44 -4.24 -7.29 42.43
CA ASP E 44 -4.62 -7.61 43.80
C ASP E 44 -6.07 -7.18 44.12
N SER E 45 -6.92 -7.09 43.10
CA SER E 45 -8.25 -6.48 43.28
C SER E 45 -9.36 -7.50 43.59
N ALA E 46 -9.00 -8.77 43.73
CA ALA E 46 -9.94 -9.84 44.00
C ALA E 46 -10.79 -9.53 45.21
N TYR E 47 -12.09 -9.80 45.14
CA TYR E 47 -12.92 -9.71 46.37
C TYR E 47 -12.35 -10.65 47.44
N HIS E 48 -12.21 -10.15 48.67
CA HIS E 48 -11.86 -11.00 49.81
C HIS E 48 -12.12 -10.25 51.10
N THR E 49 -12.52 -10.99 52.15
CA THR E 49 -12.61 -10.47 53.50
C THR E 49 -11.20 -10.50 54.10
N PRO E 50 -10.97 -9.70 55.16
CA PRO E 50 -9.70 -9.71 55.87
C PRO E 50 -9.15 -11.09 56.20
N ALA E 51 -10.03 -12.06 56.45
CA ALA E 51 -9.64 -13.40 56.91
C ALA E 51 -9.09 -14.30 55.79
N LEU E 52 -9.31 -13.92 54.54
CA LEU E 52 -8.71 -14.62 53.40
C LEU E 52 -7.50 -13.87 52.82
N ASP E 53 -7.03 -12.83 53.51
CA ASP E 53 -5.80 -12.14 53.09
C ASP E 53 -4.60 -13.10 52.91
N PRO E 54 -4.39 -14.02 53.87
CA PRO E 54 -3.33 -15.04 53.74
C PRO E 54 -3.45 -15.97 52.51
N VAL E 55 -4.69 -16.35 52.17
CA VAL E 55 -4.97 -17.19 50.98
C VAL E 55 -4.68 -16.40 49.73
N LEU E 56 -5.15 -15.16 49.70
CA LEU E 56 -4.86 -14.26 48.59
C LEU E 56 -3.37 -14.07 48.40
N SER E 57 -2.65 -13.84 49.49
CA SER E 57 -1.20 -13.55 49.40
CA SER E 57 -1.21 -13.54 49.38
C SER E 57 -0.40 -14.75 48.93
N GLU E 58 -0.75 -15.92 49.41
CA GLU E 58 -0.14 -17.15 48.91
C GLU E 58 -0.31 -17.26 47.39
N LEU E 59 -1.50 -16.92 46.89
CA LEU E 59 -1.76 -16.99 45.45
C LEU E 59 -0.91 -15.93 44.71
N LEU E 60 -0.95 -14.70 45.21
CA LEU E 60 -0.26 -13.59 44.59
C LEU E 60 1.27 -13.70 44.71
N ASP E 61 1.75 -14.24 45.83
CA ASP E 61 3.16 -14.53 45.97
C ASP E 61 3.63 -15.50 44.90
N ALA E 62 2.83 -16.53 44.60
CA ALA E 62 3.25 -17.52 43.59
C ALA E 62 3.24 -16.87 42.20
N GLU E 63 2.20 -16.07 41.92
CA GLU E 63 2.18 -15.32 40.65
C GLU E 63 3.39 -14.38 40.50
N ALA E 64 3.75 -13.69 41.57
CA ALA E 64 4.88 -12.78 41.53
C ALA E 64 6.19 -13.54 41.33
N ALA E 65 6.36 -14.69 41.97
CA ALA E 65 7.60 -15.43 41.86
C ALA E 65 7.76 -15.97 40.43
N HIS E 66 6.63 -16.32 39.81
CA HIS E 66 6.64 -16.74 38.40
C HIS E 66 7.07 -15.59 37.50
N ALA E 67 6.51 -14.40 37.74
CA ALA E 67 6.88 -13.19 37.02
C ALA E 67 8.36 -12.90 37.20
N LYS E 68 8.86 -13.01 38.43
CA LYS E 68 10.31 -12.79 38.67
C LYS E 68 11.22 -13.73 37.86
N ASP E 69 10.81 -14.98 37.71
CA ASP E 69 11.55 -15.93 36.89
C ASP E 69 11.52 -15.53 35.42
N ALA E 70 10.35 -15.13 34.94
CA ALA E 70 10.26 -14.60 33.57
C ALA E 70 11.22 -13.39 33.38
N ARG E 72 14.00 -12.72 35.16
CA ARG E 72 15.34 -13.30 35.14
CA ARG E 72 15.32 -13.31 35.15
C ARG E 72 15.68 -13.76 33.72
N GLN E 73 14.78 -14.50 33.09
CA GLN E 73 15.01 -14.98 31.71
C GLN E 73 15.14 -13.81 30.73
N ARG E 74 14.29 -12.81 30.90
CA ARG E 74 14.39 -11.59 30.07
C ARG E 74 15.73 -10.84 30.27
N GLN E 75 16.16 -10.70 31.52
CA GLN E 75 17.42 -10.02 31.84
C GLN E 75 18.59 -10.73 31.16
N GLN E 76 18.56 -12.05 31.18
CA GLN E 76 19.56 -12.87 30.48
C GLN E 76 19.46 -12.74 28.94
N PHE E 77 18.25 -12.61 28.40
CA PHE E 77 18.09 -12.39 26.95
C PHE E 77 18.63 -11.02 26.52
N VAL E 78 18.39 -9.98 27.33
CA VAL E 78 18.85 -8.62 26.98
C VAL E 78 20.38 -8.45 27.06
N ALA E 79 21.01 -9.21 27.94
CA ALA E 79 22.46 -9.20 28.10
C ALA E 79 23.16 -9.78 26.87
N THR E 80 22.41 -10.54 26.06
CA THR E 80 22.89 -11.07 24.77
C THR E 80 22.87 -10.03 23.63
N THR E 81 22.18 -8.91 23.82
CA THR E 81 21.86 -8.02 22.72
C THR E 81 22.58 -6.67 22.91
N SER E 82 22.40 -5.76 21.94
CA SER E 82 22.91 -4.39 22.02
C SER E 82 22.03 -3.40 22.78
N ALA E 83 20.84 -3.80 23.22
CA ALA E 83 20.05 -2.92 24.08
C ALA E 83 20.94 -2.53 25.30
N PRO E 84 20.96 -1.26 25.70
CA PRO E 84 21.84 -0.81 26.79
C PRO E 84 21.52 -1.37 28.20
N ASN E 85 20.25 -1.64 28.50
CA ASN E 85 19.90 -2.14 29.82
C ASN E 85 18.49 -2.68 29.91
N LEU E 86 18.21 -3.28 31.04
CA LEU E 86 16.84 -3.66 31.39
C LEU E 86 16.67 -3.45 32.86
N LYS E 87 15.66 -2.69 33.21
CA LYS E 87 15.13 -2.66 34.57
C LYS E 87 13.82 -3.46 34.59
N THR E 88 13.63 -4.25 35.63
CA THR E 88 12.44 -5.10 35.75
C THR E 88 11.71 -4.70 37.04
N GLU E 89 10.39 -4.61 36.96
CA GLU E 89 9.59 -4.19 38.10
C GLU E 89 8.38 -5.11 38.19
N ILE E 90 8.11 -5.57 39.41
CA ILE E 90 6.89 -6.26 39.75
C ILE E 90 6.15 -5.38 40.76
N SER E 91 4.93 -4.98 40.42
CA SER E 91 4.08 -4.11 41.25
C SER E 91 2.76 -4.80 41.49
N TYR E 92 2.09 -4.37 42.55
CA TYR E 92 0.80 -4.88 42.97
C TYR E 92 -0.24 -3.81 42.71
N GLY E 93 -1.32 -4.16 42.02
CA GLY E 93 -2.43 -3.21 41.93
C GLY E 93 -3.34 -3.59 40.79
N ILE E 94 -4.16 -2.63 40.37
CA ILE E 94 -5.03 -2.83 39.18
C ILE E 94 -4.17 -2.55 37.93
N PRO E 95 -4.01 -3.55 37.08
CA PRO E 95 -2.94 -3.43 36.07
C PRO E 95 -2.99 -2.19 35.18
N LYS E 96 -4.15 -1.89 34.61
CA LYS E 96 -4.24 -0.80 33.65
C LYS E 96 -4.03 0.56 34.36
N HIS E 97 -4.56 0.74 35.56
CA HIS E 97 -4.32 1.94 36.33
C HIS E 97 -2.83 2.05 36.70
N THR E 98 -2.22 0.89 37.01
CA THR E 98 -0.84 0.86 37.50
C THR E 98 0.13 1.20 36.39
N ILE E 99 -0.21 0.80 35.17
CA ILE E 99 0.60 1.13 34.03
C ILE E 99 0.53 2.61 33.73
N GLU E 100 -0.68 3.15 33.70
CA GLU E 100 -0.90 4.56 33.45
C GLU E 100 -0.10 5.36 34.46
N ASP E 101 -0.24 4.97 35.71
CA ASP E 101 0.43 5.65 36.81
C ASP E 101 1.96 5.63 36.67
N TYR E 102 2.50 4.45 36.29
CA TYR E 102 3.93 4.29 36.09
C TYR E 102 4.45 5.32 35.07
N ALA E 103 3.81 5.37 33.89
CA ALA E 103 4.18 6.33 32.85
C ALA E 103 4.06 7.79 33.29
N LYS E 104 3.03 8.11 34.05
CA LYS E 104 2.82 9.49 34.54
C LYS E 104 3.79 9.88 35.68
N GLN E 105 4.14 8.90 36.50
CA GLN E 105 5.09 9.13 37.60
C GLN E 105 6.57 9.10 37.14
N HIS E 106 6.82 8.56 35.94
CA HIS E 106 8.13 8.57 35.30
C HIS E 106 8.04 9.25 33.93
N PRO E 107 7.94 10.60 33.91
CA PRO E 107 7.59 11.25 32.64
C PRO E 107 8.66 11.20 31.58
N GLU E 108 9.84 10.72 31.92
CA GLU E 108 10.89 10.49 30.94
C GLU E 108 10.49 9.38 29.97
N ILE E 109 9.58 8.50 30.39
CA ILE E 109 9.08 7.46 29.52
C ILE E 109 8.41 8.07 28.29
N ASP E 110 8.86 7.65 27.13
CA ASP E 110 8.38 8.22 25.85
C ASP E 110 7.87 7.17 24.87
N LEU E 111 7.79 5.91 25.31
CA LEU E 111 7.09 4.88 24.58
C LEU E 111 6.65 3.78 25.53
N ILE E 112 5.44 3.29 25.29
CA ILE E 112 4.91 2.11 25.98
C ILE E 112 4.67 1.08 24.92
N VAL E 113 5.13 -0.15 25.15
CA VAL E 113 4.99 -1.24 24.15
C VAL E 113 4.09 -2.29 24.79
N LEU E 114 2.99 -2.63 24.12
CA LEU E 114 1.99 -3.60 24.67
C LEU E 114 1.69 -4.70 23.69
N GLY E 115 1.40 -5.90 24.19
CA GLY E 115 0.77 -6.91 23.33
C GLY E 115 -0.66 -6.48 22.94
N ALA E 116 -1.17 -6.87 21.76
CA ALA E 116 -2.55 -6.54 21.42
C ALA E 116 -3.52 -7.17 22.41
N THR E 117 -3.26 -8.43 22.77
CA THR E 117 -4.07 -9.19 23.71
C THR E 117 -3.18 -9.77 24.78
N GLY E 118 -3.77 -10.48 25.73
CA GLY E 118 -3.10 -10.99 26.91
C GLY E 118 -3.62 -12.36 27.31
N THR E 119 -3.77 -12.61 28.60
CA THR E 119 -4.11 -13.97 29.03
C THR E 119 -5.58 -14.31 28.84
N ASN E 120 -6.49 -13.34 28.82
CA ASN E 120 -7.92 -13.72 28.93
C ASN E 120 -8.69 -13.74 27.66
N SER E 121 -8.44 -12.85 26.71
CA SER E 121 -9.46 -12.59 25.69
C SER E 121 -9.06 -12.70 24.22
N PRO E 122 -7.96 -13.39 23.89
CA PRO E 122 -7.59 -13.48 22.46
C PRO E 122 -8.62 -14.22 21.56
N HIS E 123 -9.51 -15.02 22.15
CA HIS E 123 -10.63 -15.58 21.41
C HIS E 123 -11.92 -14.76 21.40
N ARG E 124 -11.87 -13.55 21.91
CA ARG E 124 -13.09 -12.74 21.91
C ARG E 124 -12.90 -11.31 21.39
N VAL E 125 -11.66 -10.84 21.37
CA VAL E 125 -11.34 -9.50 20.93
C VAL E 125 -10.00 -9.48 20.17
N ALA E 126 -9.86 -8.49 19.28
CA ALA E 126 -8.57 -8.20 18.60
C ALA E 126 -7.61 -7.36 19.47
N VAL E 127 -8.16 -6.61 20.43
CA VAL E 127 -7.36 -5.84 21.38
C VAL E 127 -7.99 -5.88 22.77
N GLY E 128 -7.19 -6.21 23.77
CA GLY E 128 -7.63 -6.37 25.14
C GLY E 128 -7.85 -5.05 25.84
N SER E 129 -8.59 -5.14 26.95
CA SER E 129 -9.01 -3.97 27.67
C SER E 129 -7.90 -3.21 28.38
N THR E 130 -6.83 -3.92 28.76
CA THR E 130 -5.65 -3.24 29.31
C THR E 130 -4.98 -2.39 28.21
N THR E 131 -4.75 -2.97 27.05
CA THR E 131 -4.19 -2.20 25.95
C THR E 131 -5.05 -1.00 25.56
N SER E 132 -6.37 -1.21 25.42
CA SER E 132 -7.27 -0.10 25.03
C SER E 132 -7.18 1.02 26.06
N TYR E 133 -7.17 0.68 27.33
CA TYR E 133 -7.13 1.67 28.42
C TYR E 133 -5.81 2.50 28.39
N VAL E 134 -4.71 1.79 28.25
CA VAL E 134 -3.41 2.40 28.23
C VAL E 134 -3.21 3.23 26.96
N VAL E 135 -3.66 2.74 25.81
CA VAL E 135 -3.59 3.55 24.56
C VAL E 135 -4.29 4.91 24.77
N ASP E 136 -5.43 4.88 25.47
CA ASP E 136 -6.27 6.05 25.73
CA ASP E 136 -6.24 6.08 25.71
C ASP E 136 -5.59 7.00 26.73
N HIS E 137 -5.17 6.44 27.84
CA HIS E 137 -4.72 7.26 28.98
C HIS E 137 -3.20 7.57 29.09
N ALA E 138 -2.37 7.00 28.23
CA ALA E 138 -0.91 7.19 28.33
C ALA E 138 -0.58 8.59 27.89
N PRO E 139 0.45 9.18 28.51
CA PRO E 139 0.82 10.52 28.14
C PRO E 139 1.82 10.56 26.99
N CYS E 140 2.19 9.40 26.46
CA CYS E 140 3.24 9.30 25.47
C CYS E 140 2.77 8.37 24.34
N ASN E 141 3.67 8.12 23.39
CA ASN E 141 3.38 7.22 22.29
C ASN E 141 3.10 5.81 22.81
N VAL E 142 2.20 5.10 22.15
CA VAL E 142 1.95 3.71 22.48
C VAL E 142 1.95 2.84 21.24
N ILE E 143 2.70 1.73 21.26
CA ILE E 143 2.69 0.79 20.13
C ILE E 143 2.09 -0.53 20.61
N VAL E 144 1.18 -1.04 19.79
CA VAL E 144 0.52 -2.30 20.00
C VAL E 144 1.13 -3.33 19.05
N ILE E 145 1.60 -4.41 19.66
CA ILE E 145 2.33 -5.45 18.97
C ILE E 145 1.44 -6.66 18.73
N ARG E 146 1.25 -7.01 17.47
CA ARG E 146 0.59 -8.28 17.15
C ARG E 146 1.29 -9.02 16.03
N ALA F 3 15.47 -8.25 12.28
CA ALA F 3 13.99 -8.09 12.36
C ALA F 3 13.63 -6.61 12.18
N ARG F 4 12.97 -6.28 11.05
CA ARG F 4 12.82 -4.89 10.59
C ARG F 4 11.51 -4.61 9.76
N TYR F 5 10.93 -3.42 9.92
CA TYR F 5 9.70 -3.02 9.18
C TYR F 5 10.04 -2.81 7.73
N THR F 6 9.13 -3.23 6.86
CA THR F 6 9.33 -3.22 5.43
C THR F 6 8.38 -2.27 4.71
N ASN F 7 7.19 -2.05 5.23
CA ASN F 7 6.17 -1.24 4.56
C ASN F 7 5.24 -0.58 5.57
N ILE F 8 5.31 0.73 5.65
CA ILE F 8 4.64 1.48 6.69
C ILE F 8 3.49 2.23 6.03
N LEU F 9 2.34 2.26 6.68
CA LEU F 9 1.21 3.07 6.27
C LEU F 9 0.96 4.15 7.34
N VAL F 10 0.91 5.42 6.93
CA VAL F 10 0.55 6.51 7.82
C VAL F 10 -0.72 7.24 7.30
N PRO F 11 -1.89 6.86 7.85
CA PRO F 11 -3.09 7.59 7.54
C PRO F 11 -3.07 8.98 8.13
N VAL F 12 -3.36 9.99 7.31
CA VAL F 12 -3.37 11.38 7.79
C VAL F 12 -4.70 12.09 7.51
N ASP F 13 -5.18 12.89 8.46
CA ASP F 13 -6.21 13.85 8.14
C ASP F 13 -5.46 15.18 8.01
N SER F 14 -6.18 16.30 8.05
CA SER F 14 -5.53 17.60 7.93
C SER F 14 -5.06 18.17 9.27
N SER F 15 -5.03 17.36 10.33
CA SER F 15 -4.74 17.89 11.65
C SER F 15 -3.24 17.97 11.92
N ASP F 16 -2.89 18.83 12.88
CA ASP F 16 -1.54 18.92 13.36
C ASP F 16 -1.16 17.59 13.92
N ALA F 17 -2.08 16.93 14.66
CA ALA F 17 -1.75 15.66 15.27
C ALA F 17 -1.32 14.62 14.27
N ALA F 18 -2.07 14.51 13.18
CA ALA F 18 -1.74 13.59 12.10
C ALA F 18 -0.41 13.96 11.43
N GLN F 19 -0.09 15.25 11.32
CA GLN F 19 1.17 15.65 10.67
C GLN F 19 2.37 15.20 11.56
N ALA F 20 2.19 15.26 12.89
CA ALA F 20 3.20 14.74 13.85
C ALA F 20 3.42 13.22 13.73
N ALA F 21 2.32 12.50 13.47
CA ALA F 21 2.38 11.09 13.14
C ALA F 21 3.14 10.87 11.88
N PHE F 22 2.86 11.70 10.88
CA PHE F 22 3.61 11.60 9.62
C PHE F 22 5.11 11.80 9.84
N THR F 23 5.49 12.80 10.60
CA THR F 23 6.90 13.06 10.86
C THR F 23 7.56 11.89 11.56
N GLU F 24 6.90 11.29 12.57
CA GLU F 24 7.48 10.10 13.22
C GLU F 24 7.54 8.92 12.25
N ALA F 25 6.54 8.76 11.42
CA ALA F 25 6.51 7.71 10.41
C ALA F 25 7.73 7.76 9.45
N VAL F 26 8.05 8.96 8.96
CA VAL F 26 9.29 9.17 8.15
C VAL F 26 10.55 8.78 8.91
N ASN F 27 10.57 9.15 10.19
CA ASN F 27 11.66 8.82 11.09
C ASN F 27 11.81 7.32 11.25
N ILE F 28 10.70 6.61 11.48
CA ILE F 28 10.74 5.17 11.57
C ILE F 28 11.26 4.56 10.25
N ALA F 29 10.77 5.08 9.12
CA ALA F 29 11.02 4.43 7.82
C ALA F 29 12.50 4.57 7.47
N GLN F 30 13.08 5.72 7.84
CA GLN F 30 14.52 5.99 7.70
C GLN F 30 15.35 4.97 8.48
N ARG F 31 15.01 4.77 9.75
CA ARG F 31 15.75 3.82 10.61
C ARG F 31 15.66 2.37 10.13
N HIS F 32 14.50 1.98 9.64
CA HIS F 32 14.22 0.61 9.21
C HIS F 32 14.44 0.41 7.72
N GLN F 33 14.67 1.49 6.97
CA GLN F 33 14.69 1.43 5.51
C GLN F 33 13.47 0.67 4.97
N ALA F 34 12.31 1.14 5.44
CA ALA F 34 11.02 0.62 5.01
C ALA F 34 10.39 1.57 3.99
N ASN F 35 9.59 1.01 3.08
CA ASN F 35 8.66 1.82 2.29
C ASN F 35 7.65 2.54 3.17
N LEU F 36 7.24 3.74 2.75
CA LEU F 36 6.25 4.54 3.46
C LEU F 36 5.13 4.96 2.50
N THR F 37 3.87 4.77 2.92
CA THR F 37 2.69 5.30 2.22
C THR F 37 1.89 6.20 3.16
N ALA F 38 1.62 7.43 2.74
CA ALA F 38 0.71 8.34 3.41
C ALA F 38 -0.65 8.23 2.73
N LEU F 39 -1.71 8.11 3.51
CA LEU F 39 -3.05 7.90 2.99
C LEU F 39 -4.00 8.91 3.62
N TYR F 40 -4.62 9.74 2.79
CA TYR F 40 -5.69 10.62 3.25
C TYR F 40 -7.01 10.12 2.73
N VAL F 41 -8.01 9.99 3.61
CA VAL F 41 -9.32 9.52 3.14
C VAL F 41 -10.30 10.70 3.13
N VAL F 42 -10.79 11.04 1.94
CA VAL F 42 -11.87 12.00 1.77
C VAL F 42 -13.20 11.34 2.13
N ASP F 43 -13.78 11.76 3.25
CA ASP F 43 -15.00 11.12 3.75
C ASP F 43 -16.17 11.48 2.85
N ASP F 44 -16.66 10.49 2.11
CA ASP F 44 -17.71 10.70 1.12
C ASP F 44 -19.08 10.21 1.56
N SER F 45 -19.31 10.10 2.85
CA SER F 45 -20.53 9.44 3.38
C SER F 45 -21.65 10.38 3.78
N ALA F 46 -21.47 11.67 3.50
CA ALA F 46 -22.48 12.69 3.84
C ALA F 46 -23.84 12.37 3.28
N TYR F 47 -24.87 12.52 4.09
CA TYR F 47 -26.22 12.35 3.56
C TYR F 47 -26.40 13.26 2.33
N HIS F 48 -26.93 12.69 1.23
CA HIS F 48 -27.24 13.47 0.03
C HIS F 48 -28.02 12.61 -0.97
N THR F 49 -29.04 13.18 -1.56
CA THR F 49 -29.74 12.50 -2.65
C THR F 49 -28.78 12.47 -3.83
N PRO F 50 -28.82 11.42 -4.66
CA PRO F 50 -27.99 11.49 -5.88
C PRO F 50 -28.15 12.81 -6.70
N ALA F 51 -29.29 13.50 -6.52
CA ALA F 51 -29.47 14.86 -7.02
C ALA F 51 -28.39 15.85 -6.60
N LEU F 52 -27.91 15.75 -5.36
CA LEU F 52 -26.86 16.67 -4.87
C LEU F 52 -25.43 16.15 -5.10
N ASP F 53 -25.24 15.19 -6.00
CA ASP F 53 -23.89 14.63 -6.24
C ASP F 53 -22.81 15.61 -6.78
N PRO F 54 -23.22 16.65 -7.53
CA PRO F 54 -22.26 17.65 -8.03
C PRO F 54 -21.83 18.65 -6.98
N VAL F 55 -22.76 19.00 -6.11
CA VAL F 55 -22.48 19.89 -4.99
C VAL F 55 -21.43 19.22 -4.09
N LEU F 56 -21.67 17.96 -3.77
CA LEU F 56 -20.75 17.18 -2.92
C LEU F 56 -19.40 16.97 -3.61
N SER F 57 -19.43 16.66 -4.91
CA SER F 57 -18.24 16.53 -5.73
C SER F 57 -17.34 17.73 -5.70
N GLU F 58 -17.92 18.93 -5.76
CA GLU F 58 -17.17 20.18 -5.56
C GLU F 58 -16.47 20.25 -4.21
N LEU F 59 -17.23 19.93 -3.17
CA LEU F 59 -16.73 19.99 -1.81
CA LEU F 59 -16.74 19.96 -1.79
C LEU F 59 -15.57 19.01 -1.62
N LEU F 60 -15.80 17.76 -2.00
CA LEU F 60 -14.80 16.71 -1.87
C LEU F 60 -13.57 16.95 -2.77
N ASP F 61 -13.78 17.40 -4.01
CA ASP F 61 -12.65 17.71 -4.89
C ASP F 61 -11.74 18.81 -4.28
N ALA F 62 -12.34 19.78 -3.61
CA ALA F 62 -11.55 20.82 -2.92
C ALA F 62 -10.78 20.23 -1.74
N GLU F 63 -11.42 19.31 -1.02
CA GLU F 63 -10.76 18.69 0.13
C GLU F 63 -9.59 17.86 -0.36
N ALA F 64 -9.81 17.12 -1.44
CA ALA F 64 -8.78 16.31 -2.07
C ALA F 64 -7.60 17.13 -2.57
N ALA F 65 -7.85 18.31 -3.14
CA ALA F 65 -6.80 19.20 -3.66
C ALA F 65 -5.93 19.75 -2.52
N HIS F 66 -6.57 20.02 -1.40
CA HIS F 66 -5.86 20.46 -0.21
C HIS F 66 -4.98 19.37 0.35
N ALA F 67 -5.51 18.15 0.37
CA ALA F 67 -4.74 16.98 0.81
C ALA F 67 -3.56 16.72 -0.09
N LYS F 68 -3.73 16.95 -1.40
CA LYS F 68 -2.63 16.80 -2.39
C LYS F 68 -1.52 17.83 -2.15
N ASP F 69 -1.89 19.08 -1.91
CA ASP F 69 -0.90 20.10 -1.57
CA ASP F 69 -0.93 20.13 -1.55
C ASP F 69 -0.10 19.69 -0.35
N ALA F 70 -0.78 19.17 0.68
CA ALA F 70 -0.10 18.65 1.86
C ALA F 70 0.84 17.50 1.49
N ARG F 72 2.25 17.00 -1.39
CA ARG F 72 3.38 17.60 -2.11
CA ARG F 72 3.38 17.60 -2.11
C ARG F 72 4.44 18.09 -1.12
N GLN F 73 4.00 18.74 -0.06
CA GLN F 73 4.94 19.19 0.96
CA GLN F 73 4.94 19.20 0.98
C GLN F 73 5.65 18.00 1.58
N ARG F 74 4.89 16.94 1.86
CA ARG F 74 5.45 15.76 2.46
C ARG F 74 6.49 15.06 1.57
N GLN F 75 6.29 15.06 0.25
CA GLN F 75 7.28 14.47 -0.64
CA GLN F 75 7.27 14.50 -0.68
C GLN F 75 8.59 15.26 -0.60
N GLN F 76 8.50 16.59 -0.56
CA GLN F 76 9.69 17.47 -0.44
CA GLN F 76 9.70 17.43 -0.46
C GLN F 76 10.42 17.18 0.88
N PHE F 77 9.67 17.04 1.96
CA PHE F 77 10.26 16.71 3.25
C PHE F 77 11.03 15.40 3.18
N VAL F 78 10.39 14.34 2.69
CA VAL F 78 11.02 13.01 2.67
C VAL F 78 12.30 12.96 1.83
N ALA F 79 12.34 13.77 0.78
CA ALA F 79 13.49 13.84 -0.13
C ALA F 79 14.76 14.44 0.52
N THR F 80 14.60 15.13 1.64
CA THR F 80 15.74 15.60 2.42
C THR F 80 16.26 14.52 3.38
N THR F 81 15.62 13.35 3.44
CA THR F 81 15.95 12.32 4.43
C THR F 81 16.50 11.07 3.73
N SER F 82 16.97 10.11 4.51
CA SER F 82 17.44 8.81 3.98
C SER F 82 16.32 7.77 3.82
N ALA F 83 15.06 8.15 4.10
CA ALA F 83 13.90 7.26 3.88
C ALA F 83 13.87 6.81 2.43
N PRO F 84 13.66 5.49 2.19
CA PRO F 84 13.74 4.97 0.81
C PRO F 84 12.78 5.59 -0.22
N ASN F 85 11.57 5.99 0.21
CA ASN F 85 10.54 6.58 -0.69
C ASN F 85 9.34 7.24 0.01
N LEU F 86 8.32 7.61 -0.78
CA LEU F 86 7.02 7.95 -0.23
C LEU F 86 5.97 7.78 -1.31
N LYS F 87 4.99 6.92 -1.05
CA LYS F 87 3.77 6.92 -1.83
C LYS F 87 2.72 7.80 -1.15
N THR F 88 1.84 8.39 -1.97
CA THR F 88 0.80 9.26 -1.47
C THR F 88 -0.51 8.85 -2.12
N GLU F 89 -1.56 8.82 -1.33
CA GLU F 89 -2.83 8.31 -1.81
C GLU F 89 -3.93 9.12 -1.17
N ILE F 90 -4.88 9.52 -2.00
CA ILE F 90 -6.07 10.17 -1.54
C ILE F 90 -7.15 9.21 -1.94
N SER F 91 -7.82 8.62 -0.95
CA SER F 91 -8.95 7.74 -1.24
C SER F 91 -10.19 8.45 -0.83
N TYR F 92 -11.29 8.04 -1.45
CA TYR F 92 -12.61 8.46 -1.02
C TYR F 92 -13.29 7.28 -0.35
N GLY F 93 -13.91 7.52 0.82
CA GLY F 93 -14.59 6.45 1.54
C GLY F 93 -14.78 6.79 3.00
N ILE F 94 -15.30 5.82 3.75
CA ILE F 94 -15.35 5.92 5.19
C ILE F 94 -13.95 5.73 5.73
N PRO F 95 -13.42 6.76 6.42
CA PRO F 95 -12.00 6.72 6.78
C PRO F 95 -11.54 5.46 7.51
N LYS F 96 -12.12 5.12 8.65
CA LYS F 96 -11.65 3.95 9.42
C LYS F 96 -11.82 2.63 8.64
N HIS F 97 -12.90 2.47 7.88
CA HIS F 97 -13.01 1.28 7.01
C HIS F 97 -11.95 1.27 5.95
N THR F 98 -11.68 2.45 5.38
CA THR F 98 -10.80 2.57 4.23
C THR F 98 -9.35 2.28 4.61
N ILE F 99 -8.97 2.68 5.82
CA ILE F 99 -7.68 2.41 6.37
C ILE F 99 -7.56 0.93 6.64
N GLU F 100 -8.53 0.35 7.34
CA GLU F 100 -8.52 -1.07 7.61
C GLU F 100 -8.38 -1.85 6.28
N ASP F 101 -9.25 -1.53 5.33
CA ASP F 101 -9.24 -2.15 4.02
C ASP F 101 -7.89 -2.02 3.32
N TYR F 102 -7.27 -0.83 3.40
CA TYR F 102 -5.97 -0.62 2.75
C TYR F 102 -4.91 -1.56 3.33
N ALA F 103 -4.82 -1.63 4.65
CA ALA F 103 -3.89 -2.59 5.29
C ALA F 103 -4.16 -4.05 4.91
N LYS F 104 -5.42 -4.47 4.86
CA LYS F 104 -5.73 -5.86 4.53
C LYS F 104 -5.55 -6.14 3.04
N GLN F 105 -5.76 -5.12 2.22
CA GLN F 105 -5.58 -5.34 0.78
C GLN F 105 -4.13 -5.19 0.33
N HIS F 106 -3.27 -4.67 1.21
CA HIS F 106 -1.82 -4.69 0.97
C HIS F 106 -1.14 -5.36 2.15
N PRO F 107 -1.15 -6.71 2.17
CA PRO F 107 -0.75 -7.39 3.40
C PRO F 107 0.74 -7.31 3.71
N GLU F 108 1.56 -6.82 2.78
CA GLU F 108 2.95 -6.43 3.06
C GLU F 108 3.08 -5.32 4.11
N ILE F 109 2.01 -4.56 4.33
CA ILE F 109 2.05 -3.45 5.29
C ILE F 109 2.22 -4.08 6.68
N ASP F 110 3.25 -3.64 7.42
CA ASP F 110 3.58 -4.26 8.70
C ASP F 110 3.65 -3.24 9.86
N LEU F 111 3.25 -1.99 9.58
CA LEU F 111 3.09 -0.98 10.65
C LEU F 111 2.11 0.06 10.17
N ILE F 112 1.16 0.41 11.04
CA ILE F 112 0.34 1.58 10.83
C ILE F 112 0.67 2.65 11.91
N VAL F 113 0.90 3.89 11.49
CA VAL F 113 1.24 5.01 12.36
C VAL F 113 0.09 5.97 12.25
N LEU F 114 -0.44 6.36 13.42
CA LEU F 114 -1.63 7.20 13.55
C LEU F 114 -1.43 8.27 14.62
N GLY F 115 -1.99 9.46 14.42
CA GLY F 115 -2.08 10.41 15.57
C GLY F 115 -3.10 9.90 16.57
N ALA F 116 -2.96 10.29 17.85
CA ALA F 116 -3.91 9.89 18.85
C ALA F 116 -5.29 10.50 18.55
N THR F 117 -5.26 11.77 18.17
CA THR F 117 -6.43 12.55 17.82
C THR F 117 -6.30 13.19 16.43
N GLY F 118 -7.35 13.88 16.01
CA GLY F 118 -7.42 14.42 14.65
C GLY F 118 -8.15 15.74 14.63
N THR F 119 -8.96 15.96 13.59
CA THR F 119 -9.62 17.25 13.39
C THR F 119 -10.79 17.53 14.34
N ASN F 120 -11.51 16.49 14.78
CA ASN F 120 -12.80 16.75 15.44
C ASN F 120 -12.83 16.75 16.96
N SER F 121 -12.06 15.89 17.63
CA SER F 121 -12.30 15.65 19.06
C SER F 121 -11.12 15.85 20.06
N PRO F 122 -10.10 16.68 19.73
CA PRO F 122 -9.01 16.79 20.71
C PRO F 122 -9.42 17.44 22.04
N HIS F 123 -10.50 18.22 22.06
CA HIS F 123 -11.00 18.79 23.32
C HIS F 123 -12.06 17.91 24.02
N ARG F 124 -12.26 16.69 23.53
CA ARG F 124 -13.24 15.76 24.11
C ARG F 124 -12.68 14.40 24.48
N VAL F 125 -11.62 13.94 23.80
CA VAL F 125 -11.09 12.56 23.98
C VAL F 125 -9.56 12.58 23.90
N ALA F 126 -8.88 11.63 24.54
CA ALA F 126 -7.42 11.47 24.44
C ALA F 126 -7.07 10.60 23.26
N VAL F 127 -8.00 9.79 22.81
CA VAL F 127 -7.81 9.04 21.56
CA VAL F 127 -7.81 9.06 21.54
C VAL F 127 -9.11 9.05 20.74
N GLY F 128 -8.99 9.27 19.43
CA GLY F 128 -10.13 9.40 18.55
C GLY F 128 -10.62 8.08 18.02
N SER F 129 -11.83 8.14 17.45
CA SER F 129 -12.56 6.94 17.10
C SER F 129 -11.92 6.27 15.89
N THR F 130 -11.26 7.03 15.01
CA THR F 130 -10.57 6.43 13.85
C THR F 130 -9.42 5.60 14.39
N THR F 131 -8.65 6.17 15.29
CA THR F 131 -7.52 5.47 15.86
C THR F 131 -7.92 4.23 16.65
N SER F 132 -8.95 4.33 17.51
CA SER F 132 -9.40 3.17 18.25
CA SER F 132 -9.37 3.14 18.25
C SER F 132 -9.83 2.03 17.30
N TYR F 133 -10.58 2.37 16.27
CA TYR F 133 -11.01 1.37 15.29
C TYR F 133 -9.86 0.68 14.58
N VAL F 134 -8.85 1.45 14.18
CA VAL F 134 -7.71 0.87 13.46
C VAL F 134 -6.81 0.10 14.41
N VAL F 135 -6.65 0.57 15.66
CA VAL F 135 -5.89 -0.22 16.63
C VAL F 135 -6.54 -1.62 16.76
N ASP F 136 -7.87 -1.63 16.81
CA ASP F 136 -8.67 -2.85 16.95
CA ASP F 136 -8.65 -2.86 16.99
C ASP F 136 -8.57 -3.75 15.74
N HIS F 137 -8.84 -3.16 14.56
CA HIS F 137 -9.04 -3.97 13.34
C HIS F 137 -7.82 -4.23 12.44
N ALA F 138 -6.68 -3.61 12.73
CA ALA F 138 -5.50 -3.77 11.86
C ALA F 138 -4.90 -5.17 11.95
N PRO F 139 -4.45 -5.69 10.79
CA PRO F 139 -3.84 -7.00 10.82
C PRO F 139 -2.39 -6.92 11.28
N CYS F 140 -1.87 -5.74 11.66
CA CYS F 140 -0.44 -5.59 11.92
C CYS F 140 -0.22 -4.71 13.15
N ASN F 141 1.05 -4.47 13.49
CA ASN F 141 1.36 -3.55 14.59
C ASN F 141 0.78 -2.16 14.32
N VAL F 142 0.43 -1.43 15.38
CA VAL F 142 -0.07 -0.06 15.22
C VAL F 142 0.61 0.81 16.30
N ILE F 143 1.15 1.94 15.89
CA ILE F 143 1.69 2.97 16.81
C ILE F 143 0.83 4.25 16.82
N VAL F 144 0.55 4.74 18.03
CA VAL F 144 -0.27 5.91 18.23
C VAL F 144 0.67 7.02 18.77
N ILE F 145 0.69 8.14 18.05
CA ILE F 145 1.63 9.21 18.21
C ILE F 145 0.94 10.36 18.91
N ARG F 146 1.53 10.80 20.02
CA ARG F 146 1.08 11.99 20.72
C ARG F 146 2.29 12.72 21.35
N ALA G 3 -45.11 -4.01 22.22
CA ALA G 3 -43.90 -4.84 22.57
C ALA G 3 -43.56 -4.64 24.04
N ARG G 4 -43.03 -5.69 24.65
CA ARG G 4 -42.70 -5.71 26.09
CA ARG G 4 -42.57 -5.56 26.03
C ARG G 4 -41.41 -6.51 26.28
N TYR G 5 -40.66 -6.26 27.36
CA TYR G 5 -39.57 -7.18 27.77
C TYR G 5 -40.22 -8.38 28.49
N THR G 6 -39.67 -9.55 28.21
CA THR G 6 -40.13 -10.84 28.74
C THR G 6 -39.12 -11.52 29.69
N ASN G 7 -37.83 -11.30 29.41
CA ASN G 7 -36.73 -11.94 30.15
C ASN G 7 -35.51 -11.02 30.27
N ILE G 8 -35.34 -10.42 31.45
CA ILE G 8 -34.33 -9.44 31.72
C ILE G 8 -33.15 -10.10 32.47
N LEU G 9 -31.93 -9.78 32.04
CA LEU G 9 -30.70 -10.22 32.71
C LEU G 9 -29.99 -9.03 33.36
N VAL G 10 -29.70 -9.15 34.64
CA VAL G 10 -28.92 -8.13 35.32
C VAL G 10 -27.64 -8.71 35.96
N PRO G 11 -26.52 -8.55 35.24
CA PRO G 11 -25.26 -8.99 35.84
C PRO G 11 -24.83 -8.03 36.93
N VAL G 12 -24.41 -8.59 38.05
CA VAL G 12 -24.03 -7.80 39.23
C VAL G 12 -22.66 -8.30 39.71
N ASP G 13 -21.80 -7.35 40.08
CA ASP G 13 -20.59 -7.69 40.87
C ASP G 13 -20.93 -7.23 42.30
N SER G 14 -19.92 -7.05 43.15
CA SER G 14 -20.16 -6.67 44.56
C SER G 14 -20.33 -5.19 44.82
N SER G 15 -20.36 -4.37 43.77
CA SER G 15 -20.29 -2.91 43.91
C SER G 15 -21.64 -2.26 44.15
N ASP G 16 -21.63 -1.11 44.85
CA ASP G 16 -22.82 -0.27 44.95
C ASP G 16 -23.45 0.06 43.58
N ALA G 17 -22.61 0.29 42.58
CA ALA G 17 -23.12 0.63 41.24
C ALA G 17 -23.92 -0.49 40.63
N ALA G 18 -23.46 -1.73 40.75
CA ALA G 18 -24.21 -2.90 40.21
C ALA G 18 -25.51 -3.09 41.02
N GLN G 19 -25.47 -2.81 42.33
CA GLN G 19 -26.70 -2.89 43.13
C GLN G 19 -27.75 -1.86 42.70
N ALA G 20 -27.34 -0.62 42.37
CA ALA G 20 -28.27 0.33 41.77
C ALA G 20 -28.78 -0.18 40.43
N ALA G 21 -27.93 -0.85 39.64
CA ALA G 21 -28.43 -1.44 38.39
C ALA G 21 -29.49 -2.50 38.71
N PHE G 22 -29.25 -3.28 39.75
CA PHE G 22 -30.21 -4.33 40.09
C PHE G 22 -31.56 -3.70 40.48
N THR G 23 -31.50 -2.70 41.34
CA THR G 23 -32.67 -2.00 41.80
C THR G 23 -33.48 -1.46 40.63
N GLU G 24 -32.81 -0.95 39.60
CA GLU G 24 -33.50 -0.46 38.43
CA GLU G 24 -33.48 -0.45 38.43
C GLU G 24 -34.03 -1.59 37.58
N ALA G 25 -33.30 -2.68 37.54
CA ALA G 25 -33.75 -3.90 36.83
C ALA G 25 -35.04 -4.43 37.45
N VAL G 26 -35.13 -4.33 38.78
CA VAL G 26 -36.40 -4.73 39.44
C VAL G 26 -37.57 -3.80 39.03
N ASN G 27 -37.33 -2.49 39.04
CA ASN G 27 -38.29 -1.52 38.54
CA ASN G 27 -38.32 -1.55 38.53
C ASN G 27 -38.76 -1.82 37.10
N ILE G 28 -37.82 -2.12 36.21
CA ILE G 28 -38.15 -2.41 34.80
C ILE G 28 -38.96 -3.71 34.74
N ALA G 29 -38.48 -4.76 35.43
CA ALA G 29 -39.18 -6.05 35.46
C ALA G 29 -40.63 -5.86 35.90
N GLN G 30 -40.84 -5.03 36.93
CA GLN G 30 -42.13 -4.74 37.54
C GLN G 30 -43.02 -3.96 36.59
N ARG G 31 -42.46 -2.97 35.91
CA ARG G 31 -43.22 -2.23 34.91
C ARG G 31 -43.57 -3.05 33.66
N HIS G 32 -42.72 -3.97 33.29
CA HIS G 32 -42.99 -4.83 32.14
C HIS G 32 -43.60 -6.18 32.57
N GLN G 33 -43.67 -6.46 33.87
CA GLN G 33 -43.98 -7.79 34.41
C GLN G 33 -43.15 -8.87 33.67
N ALA G 34 -41.83 -8.65 33.63
CA ALA G 34 -40.85 -9.50 32.98
C ALA G 34 -40.19 -10.46 33.98
N ASN G 35 -39.73 -11.59 33.47
CA ASN G 35 -38.86 -12.46 34.25
C ASN G 35 -37.56 -11.69 34.46
N LEU G 36 -36.92 -11.92 35.60
CA LEU G 36 -35.67 -11.28 35.94
C LEU G 36 -34.69 -12.30 36.51
N THR G 37 -33.44 -12.23 36.02
CA THR G 37 -32.32 -13.11 36.39
C THR G 37 -31.14 -12.22 36.76
N ALA G 38 -30.71 -12.32 38.01
CA ALA G 38 -29.45 -11.68 38.48
C ALA G 38 -28.33 -12.71 38.43
N LEU G 39 -27.17 -12.30 37.91
CA LEU G 39 -26.07 -13.20 37.61
C LEU G 39 -24.81 -12.52 38.13
N TYR G 40 -24.13 -13.21 39.03
CA TYR G 40 -22.86 -12.80 39.57
C TYR G 40 -21.81 -13.74 39.00
N VAL G 41 -20.79 -13.22 38.30
CA VAL G 41 -19.74 -14.10 37.80
C VAL G 41 -18.49 -14.03 38.71
N VAL G 42 -18.06 -15.19 39.21
CA VAL G 42 -16.87 -15.32 40.03
C VAL G 42 -15.69 -15.49 39.08
N ASP G 43 -14.83 -14.48 39.03
CA ASP G 43 -13.76 -14.46 38.01
C ASP G 43 -12.70 -15.49 38.40
N ASP G 44 -12.51 -16.52 37.56
CA ASP G 44 -11.69 -17.68 37.89
C ASP G 44 -10.40 -17.70 37.07
N SER G 45 -10.05 -16.55 36.51
CA SER G 45 -9.00 -16.49 35.50
C SER G 45 -7.60 -16.12 36.02
N ALA G 46 -7.45 -15.91 37.32
CA ALA G 46 -6.12 -15.56 37.89
C ALA G 46 -5.02 -16.59 37.54
N TYR G 47 -3.81 -16.10 37.29
CA TYR G 47 -2.65 -16.98 37.11
C TYR G 47 -2.44 -17.87 38.31
N HIS G 48 -2.34 -19.17 38.02
CA HIS G 48 -2.02 -20.20 39.02
C HIS G 48 -1.62 -21.51 38.33
N THR G 49 -0.71 -22.23 38.95
CA THR G 49 -0.34 -23.55 38.49
C THR G 49 -1.27 -24.55 39.17
N PRO G 50 -1.33 -25.80 38.64
CA PRO G 50 -2.20 -26.80 39.29
C PRO G 50 -1.95 -26.89 40.81
N ALA G 51 -0.70 -26.69 41.23
CA ALA G 51 -0.30 -26.67 42.65
C ALA G 51 -1.11 -25.68 43.52
N LEU G 52 -1.59 -24.62 42.90
CA LEU G 52 -2.32 -23.57 43.61
C LEU G 52 -3.84 -23.73 43.49
N ASP G 53 -4.29 -24.76 42.74
CA ASP G 53 -5.74 -24.95 42.55
C ASP G 53 -6.52 -24.90 43.89
N PRO G 54 -6.00 -25.54 44.96
CA PRO G 54 -6.81 -25.46 46.21
C PRO G 54 -6.81 -24.10 46.89
N VAL G 55 -5.75 -23.34 46.70
CA VAL G 55 -5.71 -22.01 47.27
C VAL G 55 -6.67 -21.11 46.48
N LEU G 56 -6.63 -21.15 45.16
CA LEU G 56 -7.60 -20.37 44.36
C LEU G 56 -9.04 -20.79 44.73
N SER G 57 -9.30 -22.09 44.84
CA SER G 57 -10.64 -22.59 45.15
CA SER G 57 -10.63 -22.62 45.18
C SER G 57 -11.16 -22.07 46.50
N GLU G 58 -10.28 -21.98 47.49
CA GLU G 58 -10.71 -21.43 48.77
C GLU G 58 -11.14 -19.96 48.61
N LEU G 59 -10.32 -19.18 47.94
CA LEU G 59 -10.62 -17.77 47.71
C LEU G 59 -11.97 -17.57 46.98
N LEU G 60 -12.18 -18.28 45.88
CA LEU G 60 -13.37 -18.15 45.05
C LEU G 60 -14.66 -18.71 45.68
N ASP G 61 -14.54 -19.86 46.36
CA ASP G 61 -15.70 -20.40 47.05
C ASP G 61 -16.19 -19.37 48.08
N ALA G 62 -15.28 -18.67 48.75
CA ALA G 62 -15.67 -17.59 49.65
C ALA G 62 -16.34 -16.39 48.96
N GLU G 63 -15.88 -16.03 47.76
CA GLU G 63 -16.54 -14.95 47.00
C GLU G 63 -17.92 -15.39 46.61
N ALA G 64 -18.03 -16.65 46.18
CA ALA G 64 -19.31 -17.17 45.78
C ALA G 64 -20.28 -17.22 46.95
N ALA G 65 -19.82 -17.63 48.13
CA ALA G 65 -20.71 -17.65 49.29
C ALA G 65 -21.17 -16.24 49.66
N HIS G 66 -20.29 -15.24 49.51
CA HIS G 66 -20.69 -13.84 49.75
C HIS G 66 -21.70 -13.38 48.70
N ALA G 67 -21.51 -13.81 47.46
CA ALA G 67 -22.46 -13.50 46.39
C ALA G 67 -23.84 -14.13 46.67
N LYS G 68 -23.83 -15.36 47.18
CA LYS G 68 -25.06 -16.05 47.48
CA LYS G 68 -25.04 -16.10 47.51
C LYS G 68 -25.84 -15.38 48.60
N ASP G 69 -25.13 -14.80 49.56
CA ASP G 69 -25.75 -14.00 50.62
CA ASP G 69 -25.75 -13.98 50.62
C ASP G 69 -26.38 -12.75 50.00
N ALA G 70 -25.65 -12.12 49.07
CA ALA G 70 -26.14 -10.90 48.39
C ALA G 70 -27.40 -11.24 47.66
N ARG G 72 -29.58 -13.74 48.40
CA ARG G 72 -30.60 -13.98 49.43
CA ARG G 72 -30.63 -13.96 49.40
C ARG G 72 -31.32 -12.63 49.75
N GLN G 73 -30.52 -11.58 49.97
CA GLN G 73 -31.06 -10.26 50.36
C GLN G 73 -31.82 -9.62 49.18
N ARG G 74 -31.39 -9.91 47.95
CA ARG G 74 -32.08 -9.40 46.75
C ARG G 74 -33.44 -10.09 46.64
N GLN G 75 -33.52 -11.36 47.05
CA GLN G 75 -34.83 -12.06 47.12
C GLN G 75 -35.75 -11.39 48.13
N GLN G 76 -35.20 -11.00 49.29
CA GLN G 76 -35.97 -10.33 50.37
C GLN G 76 -36.47 -8.97 49.87
N PHE G 77 -35.62 -8.26 49.12
CA PHE G 77 -36.04 -7.00 48.54
C PHE G 77 -37.19 -7.21 47.56
N VAL G 78 -37.02 -8.14 46.63
CA VAL G 78 -37.94 -8.33 45.55
C VAL G 78 -39.29 -8.73 46.09
N ALA G 79 -39.31 -9.47 47.22
CA ALA G 79 -40.55 -9.82 47.91
C ALA G 79 -41.38 -8.60 48.29
N THR G 80 -40.73 -7.47 48.53
CA THR G 80 -41.45 -6.26 48.92
C THR G 80 -41.97 -5.48 47.70
N THR G 81 -41.65 -5.94 46.49
CA THR G 81 -42.11 -5.29 45.25
C THR G 81 -43.09 -6.19 44.50
N SER G 82 -43.56 -5.70 43.35
CA SER G 82 -44.53 -6.39 42.49
C SER G 82 -43.93 -7.04 41.24
N ALA G 83 -42.58 -7.12 41.12
CA ALA G 83 -41.98 -7.84 40.00
C ALA G 83 -42.36 -9.33 40.14
N PRO G 84 -42.59 -10.03 39.02
CA PRO G 84 -43.14 -11.37 39.15
C PRO G 84 -42.18 -12.35 39.84
N ASN G 85 -40.87 -12.23 39.58
CA ASN G 85 -39.94 -13.22 40.11
C ASN G 85 -38.48 -12.79 40.07
N LEU G 86 -37.66 -13.56 40.77
CA LEU G 86 -36.21 -13.40 40.68
C LEU G 86 -35.50 -14.76 40.73
N LYS G 87 -34.78 -15.03 39.65
CA LYS G 87 -33.84 -16.14 39.56
CA LYS G 87 -33.84 -16.13 39.51
C LYS G 87 -32.44 -15.56 39.78
N THR G 88 -31.63 -16.25 40.58
CA THR G 88 -30.26 -15.80 40.91
C THR G 88 -29.29 -16.86 40.49
N GLU G 89 -28.19 -16.47 39.85
CA GLU G 89 -27.21 -17.40 39.33
C GLU G 89 -25.84 -16.91 39.71
N ILE G 90 -25.03 -17.83 40.19
CA ILE G 90 -23.62 -17.58 40.43
C ILE G 90 -22.86 -18.51 39.49
N SER G 91 -22.02 -17.92 38.63
CA SER G 91 -21.25 -18.67 37.66
CA SER G 91 -21.27 -18.65 37.63
C SER G 91 -19.78 -18.36 37.84
N TYR G 92 -18.93 -19.25 37.39
CA TYR G 92 -17.46 -19.06 37.43
C TYR G 92 -16.95 -18.90 35.99
N GLY G 93 -16.10 -17.89 35.75
CA GLY G 93 -15.52 -17.70 34.42
C GLY G 93 -15.02 -16.26 34.24
N ILE G 94 -14.78 -15.83 33.01
CA ILE G 94 -14.37 -14.49 32.75
C ILE G 94 -15.68 -13.67 32.63
N PRO G 95 -15.92 -12.75 33.55
CA PRO G 95 -17.21 -12.04 33.63
C PRO G 95 -17.80 -11.57 32.28
N LYS G 96 -17.03 -10.83 31.47
CA LYS G 96 -17.64 -10.23 30.28
C LYS G 96 -18.00 -11.29 29.28
N HIS G 97 -17.15 -12.31 29.17
CA HIS G 97 -17.45 -13.45 28.29
C HIS G 97 -18.66 -14.24 28.77
N THR G 98 -18.77 -14.41 30.09
CA THR G 98 -19.83 -15.27 30.70
C THR G 98 -21.17 -14.62 30.53
N ILE G 99 -21.17 -13.30 30.68
CA ILE G 99 -22.37 -12.52 30.45
C ILE G 99 -22.84 -12.61 29.03
N GLU G 100 -21.94 -12.34 28.07
CA GLU G 100 -22.25 -12.49 26.68
C GLU G 100 -22.84 -13.90 26.39
N ASP G 101 -22.14 -14.93 26.83
CA ASP G 101 -22.58 -16.29 26.54
C ASP G 101 -23.94 -16.57 27.17
N TYR G 102 -24.20 -16.01 28.35
CA TYR G 102 -25.46 -16.23 29.01
C TYR G 102 -26.60 -15.66 28.17
N ALA G 103 -26.39 -14.45 27.61
CA ALA G 103 -27.39 -13.79 26.80
C ALA G 103 -27.60 -14.55 25.53
N LYS G 104 -26.53 -15.06 24.94
CA LYS G 104 -26.67 -15.74 23.65
C LYS G 104 -27.16 -17.18 23.76
N GLN G 105 -26.85 -17.85 24.86
CA GLN G 105 -27.26 -19.23 25.08
C GLN G 105 -28.67 -19.34 25.67
N HIS G 106 -29.18 -18.22 26.17
CA HIS G 106 -30.58 -18.05 26.58
C HIS G 106 -31.25 -16.96 25.77
N PRO G 107 -31.53 -17.25 24.49
CA PRO G 107 -31.86 -16.21 23.56
C PRO G 107 -33.22 -15.55 23.81
N GLU G 108 -33.99 -16.06 24.78
CA GLU G 108 -35.22 -15.41 25.21
C GLU G 108 -34.91 -14.08 25.97
N ILE G 109 -33.65 -13.91 26.41
CA ILE G 109 -33.24 -12.69 27.10
C ILE G 109 -33.38 -11.52 26.13
N ASP G 110 -34.12 -10.51 26.53
CA ASP G 110 -34.29 -9.35 25.62
C ASP G 110 -33.88 -8.01 26.23
N LEU G 111 -33.30 -8.04 27.44
CA LEU G 111 -32.64 -6.85 27.96
C LEU G 111 -31.54 -7.23 28.93
N ILE G 112 -30.36 -6.63 28.76
CA ILE G 112 -29.34 -6.72 29.78
C ILE G 112 -29.26 -5.37 30.46
N VAL G 113 -29.27 -5.37 31.77
CA VAL G 113 -29.18 -4.17 32.59
C VAL G 113 -27.81 -4.21 33.32
N LEU G 114 -27.00 -3.20 33.08
CA LEU G 114 -25.66 -3.08 33.70
C LEU G 114 -25.45 -1.77 34.46
N GLY G 115 -24.62 -1.83 35.49
CA GLY G 115 -24.11 -0.58 36.06
C GLY G 115 -23.09 0.02 35.10
N ALA G 116 -22.99 1.34 35.09
CA ALA G 116 -21.98 1.99 34.30
C ALA G 116 -20.57 1.55 34.76
N THR G 117 -20.36 1.47 36.04
CA THR G 117 -19.06 1.07 36.58
C THR G 117 -19.27 -0.01 37.65
N GLY G 118 -18.15 -0.47 38.22
CA GLY G 118 -18.16 -1.59 39.14
C GLY G 118 -17.13 -1.47 40.24
N THR G 119 -16.53 -2.60 40.59
CA THR G 119 -15.64 -2.56 41.73
C THR G 119 -14.31 -1.90 41.51
N ASN G 120 -13.77 -1.90 40.29
CA ASN G 120 -12.39 -1.48 40.10
C ASN G 120 -12.16 -0.07 39.65
N SER G 121 -13.05 0.50 38.84
CA SER G 121 -12.63 1.71 38.12
C SER G 121 -13.54 2.94 38.21
N PRO G 122 -14.44 2.99 39.18
CA PRO G 122 -15.33 4.17 39.20
C PRO G 122 -14.61 5.54 39.24
N HIS G 123 -13.42 5.55 39.86
CA HIS G 123 -12.60 6.75 40.01
C HIS G 123 -11.75 7.07 38.78
N ARG G 124 -11.77 6.19 37.77
CA ARG G 124 -10.87 6.35 36.63
C ARG G 124 -11.62 6.40 35.30
N VAL G 125 -12.79 5.79 35.26
CA VAL G 125 -13.60 5.71 34.02
C VAL G 125 -15.05 6.08 34.29
N ALA G 126 -15.77 6.47 33.22
CA ALA G 126 -17.20 6.70 33.34
C ALA G 126 -17.97 5.44 33.01
N VAL G 127 -17.38 4.55 32.22
CA VAL G 127 -17.99 3.24 31.90
CA VAL G 127 -17.97 3.24 31.89
C VAL G 127 -16.86 2.19 31.95
N GLY G 128 -17.09 1.11 32.67
CA GLY G 128 -16.08 0.08 32.80
C GLY G 128 -16.03 -0.85 31.61
N SER G 129 -14.96 -1.66 31.56
CA SER G 129 -14.72 -2.54 30.42
C SER G 129 -15.69 -3.70 30.32
N THR G 130 -16.27 -4.16 31.42
CA THR G 130 -17.29 -5.23 31.34
C THR G 130 -18.52 -4.66 30.61
N THR G 131 -18.98 -3.50 31.04
CA THR G 131 -20.11 -2.82 30.39
C THR G 131 -19.85 -2.52 28.94
N SER G 132 -18.67 -1.97 28.66
CA SER G 132 -18.35 -1.65 27.29
CA SER G 132 -18.36 -1.64 27.27
C SER G 132 -18.42 -2.89 26.43
N TYR G 133 -17.84 -3.99 26.92
CA TYR G 133 -17.82 -5.24 26.17
C TYR G 133 -19.24 -5.76 25.91
N VAL G 134 -20.05 -5.75 26.95
CA VAL G 134 -21.36 -6.31 26.80
C VAL G 134 -22.25 -5.45 25.90
N VAL G 135 -22.12 -4.12 25.98
CA VAL G 135 -22.87 -3.23 25.07
C VAL G 135 -22.55 -3.61 23.63
N ASP G 136 -21.28 -3.86 23.34
CA ASP G 136 -20.81 -4.26 22.01
CA ASP G 136 -20.82 -4.23 22.00
C ASP G 136 -21.33 -5.63 21.56
N HIS G 137 -21.22 -6.61 22.44
CA HIS G 137 -21.42 -8.01 22.05
C HIS G 137 -22.78 -8.63 22.35
N ALA G 138 -23.65 -7.93 23.09
CA ALA G 138 -24.95 -8.48 23.44
C ALA G 138 -25.87 -8.62 22.24
N PRO G 139 -26.68 -9.67 22.21
CA PRO G 139 -27.54 -9.90 21.05
C PRO G 139 -28.87 -9.14 21.14
N CYS G 140 -29.05 -8.36 22.21
CA CYS G 140 -30.31 -7.74 22.55
C CYS G 140 -30.05 -6.30 23.07
N ASN G 141 -31.10 -5.62 23.48
CA ASN G 141 -30.97 -4.21 23.93
C ASN G 141 -30.16 -4.24 25.26
N VAL G 142 -29.41 -3.17 25.52
CA VAL G 142 -28.62 -3.07 26.75
C VAL G 142 -28.84 -1.70 27.33
N ILE G 143 -29.14 -1.65 28.62
CA ILE G 143 -29.30 -0.34 29.29
C ILE G 143 -28.23 -0.23 30.38
N VAL G 144 -27.57 0.94 30.38
CA VAL G 144 -26.52 1.26 31.31
C VAL G 144 -27.07 2.21 32.34
N ILE G 145 -26.88 1.86 33.62
CA ILE G 145 -27.46 2.57 34.71
C ILE G 145 -26.41 3.38 35.43
N ARG G 146 -26.66 4.66 35.58
CA ARG G 146 -25.82 5.48 36.42
C ARG G 146 -26.62 6.49 37.21
N ALA H 3 -41.45 4.58 40.55
CA ALA H 3 -40.28 5.25 39.91
C ALA H 3 -40.44 5.21 38.38
N ARG H 4 -40.52 6.37 37.71
CA ARG H 4 -40.66 6.40 36.25
CA ARG H 4 -40.74 6.47 36.25
C ARG H 4 -39.70 7.38 35.55
N TYR H 5 -39.39 7.12 34.26
CA TYR H 5 -38.66 8.11 33.43
C TYR H 5 -39.58 9.29 33.13
N THR H 6 -38.98 10.47 33.00
CA THR H 6 -39.74 11.72 32.87
C THR H 6 -39.43 12.53 31.63
N ASN H 7 -38.17 12.43 31.17
CA ASN H 7 -37.70 13.24 30.07
C ASN H 7 -36.72 12.44 29.22
N ILE H 8 -37.22 11.95 28.11
CA ILE H 8 -36.46 11.04 27.24
C ILE H 8 -35.89 11.80 26.03
N LEU H 9 -34.62 11.53 25.73
CA LEU H 9 -33.96 12.03 24.54
C LEU H 9 -33.66 10.87 23.57
N VAL H 10 -34.07 11.03 22.33
CA VAL H 10 -33.74 10.03 21.30
C VAL H 10 -33.01 10.67 20.09
N PRO H 11 -31.68 10.57 20.07
CA PRO H 11 -30.93 11.13 18.93
C PRO H 11 -31.08 10.19 17.76
N VAL H 12 -31.45 10.75 16.62
CA VAL H 12 -31.70 9.99 15.39
C VAL H 12 -30.87 10.50 14.26
N ASP H 13 -30.33 9.57 13.44
CA ASP H 13 -29.76 9.96 12.19
C ASP H 13 -30.83 9.54 11.16
N SER H 14 -30.44 9.42 9.91
CA SER H 14 -31.36 8.96 8.85
C SER H 14 -31.50 7.41 8.68
N SER H 15 -30.95 6.62 9.61
CA SER H 15 -30.90 5.16 9.41
C SER H 15 -32.13 4.42 9.94
N ASP H 16 -32.36 3.23 9.41
CA ASP H 16 -33.39 2.34 9.92
C ASP H 16 -33.21 1.98 11.40
N ALA H 17 -31.96 1.76 11.81
CA ALA H 17 -31.68 1.43 13.22
C ALA H 17 -32.06 2.58 14.13
N ALA H 18 -31.84 3.82 13.69
CA ALA H 18 -32.20 4.99 14.55
C ALA H 18 -33.71 5.13 14.63
N GLN H 19 -34.39 4.83 13.52
CA GLN H 19 -35.83 4.86 13.51
C GLN H 19 -36.45 3.77 14.41
N ALA H 20 -35.84 2.60 14.50
CA ALA H 20 -36.23 1.55 15.46
C ALA H 20 -36.01 2.02 16.88
N ALA H 21 -34.88 2.72 17.13
CA ALA H 21 -34.66 3.37 18.43
C ALA H 21 -35.75 4.39 18.74
N PHE H 22 -36.10 5.22 17.75
CA PHE H 22 -37.20 6.14 17.95
C PHE H 22 -38.51 5.42 18.32
N THR H 23 -38.87 4.37 17.56
CA THR H 23 -40.10 3.61 17.80
C THR H 23 -40.18 3.02 19.20
N GLU H 24 -39.05 2.55 19.69
CA GLU H 24 -39.00 2.06 21.08
C GLU H 24 -39.05 3.21 22.07
N ALA H 25 -38.40 4.34 21.75
CA ALA H 25 -38.48 5.49 22.64
C ALA H 25 -39.95 5.95 22.83
N VAL H 26 -40.77 5.86 21.79
CA VAL H 26 -42.19 6.21 21.91
C VAL H 26 -42.89 5.23 22.87
N ASN H 27 -42.59 3.95 22.70
CA ASN H 27 -43.11 2.93 23.59
CA ASN H 27 -43.05 2.89 23.57
C ASN H 27 -42.71 3.15 25.06
N ILE H 28 -41.46 3.56 25.31
CA ILE H 28 -41.02 3.94 26.65
C ILE H 28 -41.76 5.16 27.18
N ALA H 29 -41.87 6.18 26.33
CA ALA H 29 -42.60 7.39 26.65
C ALA H 29 -44.08 7.07 26.99
N GLN H 30 -44.70 6.18 26.24
CA GLN H 30 -46.10 5.78 26.49
CA GLN H 30 -46.09 5.79 26.49
C GLN H 30 -46.23 5.12 27.86
N ARG H 31 -45.30 4.21 28.11
CA ARG H 31 -45.33 3.41 29.33
C ARG H 31 -45.12 4.28 30.53
N HIS H 32 -44.15 5.18 30.43
CA HIS H 32 -43.80 6.02 31.57
C HIS H 32 -44.55 7.32 31.61
N GLN H 33 -45.37 7.60 30.60
CA GLN H 33 -45.94 8.95 30.40
C GLN H 33 -44.87 10.04 30.54
N ALA H 34 -43.75 9.84 29.86
CA ALA H 34 -42.65 10.80 29.92
C ALA H 34 -42.68 11.77 28.76
N ASN H 35 -42.04 12.90 28.95
CA ASN H 35 -41.69 13.75 27.82
C ASN H 35 -40.68 13.09 26.90
N LEU H 36 -40.79 13.41 25.61
CA LEU H 36 -39.91 12.83 24.59
C LEU H 36 -39.42 13.93 23.62
N THR H 37 -38.10 13.97 23.43
CA THR H 37 -37.41 14.81 22.46
C THR H 37 -36.61 13.98 21.45
N ALA H 38 -36.92 14.10 20.17
CA ALA H 38 -36.09 13.53 19.09
C ALA H 38 -35.17 14.61 18.58
N LEU H 39 -33.90 14.24 18.38
CA LEU H 39 -32.87 15.18 17.96
C LEU H 39 -32.02 14.65 16.84
N TYR H 40 -31.96 15.37 15.72
CA TYR H 40 -31.08 15.03 14.61
C TYR H 40 -29.98 16.04 14.56
N VAL H 41 -28.74 15.59 14.51
CA VAL H 41 -27.61 16.53 14.40
C VAL H 41 -27.06 16.53 12.97
N VAL H 42 -27.04 17.72 12.36
CA VAL H 42 -26.46 17.88 11.02
C VAL H 42 -24.98 18.10 11.22
N ASP H 43 -24.18 17.11 10.81
CA ASP H 43 -22.75 17.19 11.04
C ASP H 43 -22.17 18.25 10.11
N ASP H 44 -21.65 19.32 10.71
CA ASP H 44 -21.09 20.46 10.03
C ASP H 44 -19.53 20.54 10.06
N SER H 45 -18.86 19.41 10.26
CA SER H 45 -17.40 19.43 10.41
C SER H 45 -16.57 19.18 9.17
N ALA H 46 -17.18 19.14 7.98
CA ALA H 46 -16.44 18.74 6.78
C ALA H 46 -15.37 19.77 6.51
N TYR H 47 -14.17 19.31 6.12
CA TYR H 47 -13.07 20.20 5.70
C TYR H 47 -13.53 21.09 4.58
N HIS H 48 -13.32 22.39 4.75
CA HIS H 48 -13.54 23.36 3.69
C HIS H 48 -12.86 24.71 4.01
N THR H 49 -12.40 25.38 2.97
CA THR H 49 -11.97 26.78 3.11
C THR H 49 -13.20 27.69 3.07
N PRO H 50 -13.05 28.95 3.52
CA PRO H 50 -14.12 29.95 3.39
C PRO H 50 -14.72 30.07 1.98
N ALA H 51 -13.86 29.99 0.96
CA ALA H 51 -14.33 29.97 -0.44
C ALA H 51 -15.45 28.95 -0.63
N LEU H 52 -15.23 27.77 -0.02
CA LEU H 52 -16.20 26.66 -0.09
C LEU H 52 -17.41 26.73 0.88
N ASP H 53 -17.46 27.71 1.79
CA ASP H 53 -18.61 27.83 2.73
C ASP H 53 -20.04 27.76 2.11
N PRO H 54 -20.26 28.37 0.93
CA PRO H 54 -21.61 28.26 0.33
C PRO H 54 -21.98 26.90 -0.31
N VAL H 55 -20.98 26.14 -0.74
CA VAL H 55 -21.28 24.81 -1.29
C VAL H 55 -21.66 23.84 -0.15
N LEU H 56 -21.03 23.99 1.01
CA LEU H 56 -21.39 23.21 2.21
C LEU H 56 -22.82 23.52 2.62
N SER H 57 -23.16 24.81 2.70
CA SER H 57 -24.47 25.24 3.15
C SER H 57 -25.60 24.63 2.32
N GLU H 58 -25.44 24.60 1.01
CA GLU H 58 -26.42 23.94 0.15
C GLU H 58 -26.59 22.46 0.51
N LEU H 59 -25.48 21.78 0.77
CA LEU H 59 -25.51 20.36 1.11
C LEU H 59 -26.22 20.14 2.43
N LEU H 60 -25.81 20.89 3.45
CA LEU H 60 -26.35 20.75 4.82
C LEU H 60 -27.82 21.20 4.90
N ASP H 61 -28.17 22.19 4.08
CA ASP H 61 -29.56 22.66 4.04
C ASP H 61 -30.50 21.56 3.65
N ALA H 62 -30.14 20.84 2.60
CA ALA H 62 -30.93 19.77 2.08
C ALA H 62 -31.03 18.64 3.12
N GLU H 63 -29.91 18.34 3.78
CA GLU H 63 -29.93 17.34 4.84
C GLU H 63 -30.90 17.77 5.96
N ALA H 64 -30.83 19.04 6.38
CA ALA H 64 -31.71 19.52 7.45
C ALA H 64 -33.16 19.40 7.03
N ALA H 65 -33.48 19.81 5.80
CA ALA H 65 -34.82 19.62 5.21
C ALA H 65 -35.29 18.19 5.27
N HIS H 66 -34.47 17.27 4.78
CA HIS H 66 -34.80 15.84 4.86
C HIS H 66 -35.12 15.44 6.32
N ALA H 67 -34.25 15.81 7.25
CA ALA H 67 -34.51 15.52 8.64
C ALA H 67 -35.81 16.12 9.17
N LYS H 68 -36.14 17.37 8.79
CA LYS H 68 -37.41 18.01 9.27
C LYS H 68 -38.63 17.27 8.77
N ASP H 69 -38.59 16.85 7.51
CA ASP H 69 -39.62 15.98 6.96
C ASP H 69 -39.78 14.75 7.82
N ALA H 70 -38.68 14.11 8.18
CA ALA H 70 -38.78 12.91 8.99
C ALA H 70 -39.40 13.25 10.36
N ARG H 72 -41.58 15.66 11.04
CA ARG H 72 -43.03 15.82 10.78
C ARG H 72 -43.75 14.46 10.79
N GLN H 73 -43.19 13.47 10.10
CA GLN H 73 -43.75 12.10 10.12
C GLN H 73 -43.76 11.45 11.51
N ARG H 74 -42.71 11.67 12.28
CA ARG H 74 -42.69 11.29 13.70
C ARG H 74 -43.79 11.95 14.54
N GLN H 75 -43.99 13.26 14.40
CA GLN H 75 -45.11 13.95 15.05
C GLN H 75 -46.44 13.32 14.65
N GLN H 76 -46.63 13.05 13.36
CA GLN H 76 -47.87 12.42 12.90
C GLN H 76 -48.08 11.11 13.63
N PHE H 77 -47.07 10.24 13.66
CA PHE H 77 -47.14 8.95 14.36
C PHE H 77 -47.44 9.03 15.86
N VAL H 78 -46.72 9.89 16.57
CA VAL H 78 -46.95 10.05 18.00
C VAL H 78 -48.35 10.63 18.31
N ALA H 79 -48.90 11.43 17.40
CA ALA H 79 -50.25 11.97 17.57
C ALA H 79 -51.29 10.87 17.84
N THR H 80 -51.08 9.71 17.21
CA THR H 80 -51.93 8.49 17.27
C THR H 80 -51.66 7.57 18.46
N THR H 81 -50.63 7.86 19.25
CA THR H 81 -50.28 7.05 20.41
C THR H 81 -50.72 7.78 21.66
N SER H 82 -50.49 7.18 22.83
CA SER H 82 -50.77 7.86 24.10
C SER H 82 -49.53 8.45 24.77
N ALA H 83 -48.42 8.51 24.06
CA ALA H 83 -47.27 9.30 24.55
C ALA H 83 -47.74 10.74 24.76
N PRO H 84 -47.40 11.37 25.90
CA PRO H 84 -47.91 12.72 26.13
C PRO H 84 -47.47 13.79 25.13
N ASN H 85 -46.30 13.63 24.51
CA ASN H 85 -45.83 14.65 23.58
C ASN H 85 -44.57 14.25 22.83
N LEU H 86 -44.19 15.11 21.91
CA LEU H 86 -42.95 15.01 21.19
C LEU H 86 -42.47 16.41 20.82
N LYS H 87 -41.26 16.69 21.27
CA LYS H 87 -40.45 17.78 20.73
C LYS H 87 -39.49 17.22 19.70
N THR H 88 -39.32 17.96 18.62
CA THR H 88 -38.39 17.59 17.59
C THR H 88 -37.37 18.70 17.47
N GLU H 89 -36.09 18.34 17.29
CA GLU H 89 -35.05 19.34 17.22
C GLU H 89 -34.02 18.93 16.20
N ILE H 90 -33.59 19.87 15.35
CA ILE H 90 -32.47 19.69 14.44
C ILE H 90 -31.38 20.69 14.87
N SER H 91 -30.17 20.19 15.10
CA SER H 91 -29.01 21.01 15.45
CA SER H 91 -29.04 21.07 15.42
C SER H 91 -27.89 20.77 14.47
N TYR H 92 -26.93 21.68 14.43
CA TYR H 92 -25.73 21.52 13.62
C TYR H 92 -24.53 21.42 14.54
N GLY H 93 -23.65 20.46 14.28
CA GLY H 93 -22.51 20.29 15.15
C GLY H 93 -21.94 18.90 14.94
N ILE H 94 -20.93 18.54 15.72
CA ILE H 94 -20.42 17.18 15.64
C ILE H 94 -21.40 16.35 16.47
N PRO H 95 -22.05 15.36 15.87
CA PRO H 95 -23.18 14.67 16.49
C PRO H 95 -22.96 14.14 17.89
N LYS H 96 -21.87 13.41 18.12
CA LYS H 96 -21.71 12.79 19.48
C LYS H 96 -21.46 13.85 20.55
N HIS H 97 -20.72 14.92 20.22
CA HIS H 97 -20.53 16.05 21.16
C HIS H 97 -21.83 16.76 21.42
N THR H 98 -22.64 16.90 20.38
CA THR H 98 -23.89 17.69 20.44
C THR H 98 -24.92 16.93 21.28
N ILE H 99 -24.91 15.61 21.15
CA ILE H 99 -25.82 14.78 21.96
C ILE H 99 -25.45 14.85 23.41
N GLU H 100 -24.15 14.62 23.70
CA GLU H 100 -23.63 14.78 25.07
C GLU H 100 -24.03 16.14 25.66
N ASP H 101 -23.79 17.22 24.92
CA ASP H 101 -24.06 18.58 25.44
C ASP H 101 -25.55 18.79 25.69
N TYR H 102 -26.36 18.28 24.80
CA TYR H 102 -27.81 18.35 24.96
C TYR H 102 -28.29 17.76 26.30
N ALA H 103 -27.81 16.55 26.62
CA ALA H 103 -28.18 15.86 27.85
C ALA H 103 -27.66 16.64 29.05
N LYS H 104 -26.45 17.20 28.95
CA LYS H 104 -25.85 17.91 30.08
C LYS H 104 -26.50 19.28 30.28
N GLN H 105 -26.86 19.91 29.17
CA GLN H 105 -27.42 21.22 29.21
C GLN H 105 -28.95 21.19 29.48
N HIS H 106 -29.56 20.01 29.47
CA HIS H 106 -30.96 19.82 29.86
C HIS H 106 -31.01 18.69 30.87
N PRO H 107 -30.65 18.98 32.13
CA PRO H 107 -30.42 17.94 33.11
C PRO H 107 -31.70 17.22 33.60
N GLU H 108 -32.86 17.70 33.15
CA GLU H 108 -34.09 16.96 33.35
C GLU H 108 -34.09 15.63 32.56
N ILE H 109 -33.35 15.58 31.47
CA ILE H 109 -33.26 14.38 30.67
C ILE H 109 -32.71 13.21 31.50
N ASP H 110 -33.46 12.12 31.59
CA ASP H 110 -33.07 10.98 32.42
C ASP H 110 -32.93 9.66 31.68
N LEU H 111 -33.10 9.70 30.39
CA LEU H 111 -32.79 8.57 29.54
C LEU H 111 -32.44 9.09 28.18
N ILE H 112 -31.37 8.52 27.63
CA ILE H 112 -31.07 8.63 26.21
C ILE H 112 -31.29 7.28 25.54
N VAL H 113 -32.03 7.27 24.44
CA VAL H 113 -32.28 6.07 23.61
C VAL H 113 -31.53 6.19 22.27
N LEU H 114 -30.72 5.20 21.95
CA LEU H 114 -29.90 5.20 20.76
C LEU H 114 -29.98 3.88 20.03
N GLY H 115 -29.86 3.95 18.71
CA GLY H 115 -29.70 2.73 17.93
C GLY H 115 -28.29 2.22 18.14
N ALA H 116 -28.08 0.91 18.05
CA ALA H 116 -26.76 0.38 18.23
C ALA H 116 -25.83 0.88 17.13
N THR H 117 -26.32 0.87 15.88
CA THR H 117 -25.55 1.32 14.74
C THR H 117 -26.36 2.43 14.00
N GLY H 118 -25.77 3.00 12.95
CA GLY H 118 -26.37 4.12 12.24
C GLY H 118 -26.18 3.95 10.74
N THR H 119 -25.89 5.06 10.06
CA THR H 119 -25.80 5.07 8.60
C THR H 119 -24.48 4.54 8.10
N ASN H 120 -23.40 4.60 8.90
CA ASN H 120 -22.08 4.30 8.35
C ASN H 120 -21.56 2.88 8.47
N SER H 121 -21.77 2.23 9.62
CA SER H 121 -21.02 0.99 9.88
C SER H 121 -21.81 -0.27 10.30
N PRO H 122 -23.13 -0.35 10.00
CA PRO H 122 -23.85 -1.57 10.47
C PRO H 122 -23.17 -2.90 10.05
N HIS H 123 -22.58 -2.91 8.86
CA HIS H 123 -21.87 -4.08 8.32
C HIS H 123 -20.46 -4.31 8.89
N ARG H 124 -19.95 -3.40 9.72
CA ARG H 124 -18.56 -3.49 10.19
C ARG H 124 -18.40 -3.54 11.71
N VAL H 125 -19.40 -3.05 12.45
CA VAL H 125 -19.34 -3.01 13.90
C VAL H 125 -20.69 -3.43 14.45
N ALA H 126 -20.71 -3.93 15.70
CA ALA H 126 -21.96 -4.22 16.42
C ALA H 126 -22.50 -2.96 17.11
N VAL H 127 -21.61 -1.99 17.35
CA VAL H 127 -22.04 -0.69 17.96
C VAL H 127 -21.22 0.46 17.36
N GLY H 128 -21.90 1.50 16.88
CA GLY H 128 -21.24 2.61 16.29
C GLY H 128 -20.57 3.56 17.26
N SER H 129 -19.68 4.38 16.70
CA SER H 129 -18.89 5.30 17.53
C SER H 129 -19.69 6.41 18.22
N THR H 130 -20.82 6.81 17.65
CA THR H 130 -21.70 7.79 18.30
C THR H 130 -22.32 7.20 19.55
N THR H 131 -22.83 5.99 19.41
CA THR H 131 -23.36 5.27 20.56
C THR H 131 -22.32 5.01 21.65
N SER H 132 -21.15 4.46 21.32
CA SER H 132 -20.08 4.25 22.31
CA SER H 132 -20.16 4.22 22.37
C SER H 132 -19.74 5.54 23.07
N TYR H 133 -19.51 6.61 22.31
CA TYR H 133 -19.21 7.93 22.91
C TYR H 133 -20.29 8.36 23.92
N VAL H 134 -21.57 8.27 23.50
CA VAL H 134 -22.68 8.77 24.34
C VAL H 134 -22.85 7.90 25.60
N VAL H 135 -22.72 6.59 25.43
CA VAL H 135 -22.79 5.67 26.54
C VAL H 135 -21.77 6.07 27.56
N ASP H 136 -20.58 6.41 27.07
CA ASP H 136 -19.49 6.79 27.92
C ASP H 136 -19.76 8.13 28.64
N HIS H 137 -20.17 9.12 27.88
CA HIS H 137 -20.20 10.51 28.36
C HIS H 137 -21.53 11.01 28.82
N ALA H 138 -22.59 10.21 28.69
CA ALA H 138 -23.92 10.67 29.12
C ALA H 138 -23.93 10.85 30.64
N PRO H 139 -24.69 11.82 31.12
CA PRO H 139 -24.83 11.96 32.58
C PRO H 139 -26.00 11.17 33.17
N CYS H 140 -26.70 10.42 32.35
CA CYS H 140 -27.92 9.75 32.78
C CYS H 140 -27.92 8.35 32.16
N ASN H 141 -28.96 7.59 32.42
CA ASN H 141 -29.00 6.24 31.89
C ASN H 141 -29.07 6.31 30.38
N VAL H 142 -28.50 5.29 29.75
CA VAL H 142 -28.55 5.15 28.35
C VAL H 142 -28.97 3.73 27.93
N ILE H 143 -29.92 3.66 27.00
CA ILE H 143 -30.29 2.39 26.42
C ILE H 143 -29.96 2.32 24.92
N VAL H 144 -29.40 1.18 24.54
CA VAL H 144 -28.98 0.88 23.19
C VAL H 144 -29.94 -0.16 22.61
N ILE H 145 -30.56 0.21 21.47
CA ILE H 145 -31.63 -0.56 20.86
C ILE H 145 -31.06 -1.31 19.67
N ARG H 146 -31.25 -2.62 19.70
CA ARG H 146 -30.96 -3.44 18.55
C ARG H 146 -32.04 -4.53 18.34
#